data_2Y0N
#
_entry.id   2Y0N
#
_cell.length_a   76.230
_cell.length_b   127.270
_cell.length_c   79.680
_cell.angle_alpha   90.00
_cell.angle_beta   118.46
_cell.angle_gamma   90.00
#
_symmetry.space_group_name_H-M   'P 1 21 1'
#
loop_
_entity.id
_entity.type
_entity.pdbx_description
1 polymer 'MALE-SPECIFIC LETHAL 3 HOMOLOG'
2 polymer 'MALE-SPECIFIC LETHAL 1 HOMOLOG'
#
loop_
_entity_poly.entity_id
_entity_poly.type
_entity_poly.pdbx_seq_one_letter_code
_entity_poly.pdbx_strand_id
1 'polypeptide(L)'
;MGMEERTITIEIPEVLKKQLEDDCYYINRRKRLVKLPCQTNIITILESYVKHFAINAAFSANERPRHHHVMPHANMNVHY
IPAEKNVDLCKEMVDGLRITFDYTLPLVLLYPYEQAQYKKVTSSKYDIPPTTEFDQPPPPSYIYGAQHLLRLFVKLPEIL
GKMSFSEKNLKALLKHFDLFLRFLAEYHDDFFPESAYVAACEAHYSTKNPR
;
A,B,C,D
2 'polypeptide(L)' GAMGIQESEPEVTSFFPEPDDVESLLITPFLPVVAFGRPLPKLAPQNFELPWLDER E,F,G,H
#
# COMPACT_ATOMS: atom_id res chain seq x y z
N THR A 7 -23.22 -6.95 9.29
CA THR A 7 -22.59 -6.06 10.31
C THR A 7 -22.22 -6.82 11.58
N ILE A 8 -21.15 -6.35 12.22
CA ILE A 8 -20.60 -6.95 13.44
C ILE A 8 -21.33 -6.45 14.70
N THR A 9 -21.68 -7.39 15.59
CA THR A 9 -22.29 -7.02 16.87
C THR A 9 -21.43 -7.51 18.05
N ILE A 10 -21.15 -6.60 18.99
CA ILE A 10 -20.52 -6.97 20.26
C ILE A 10 -21.47 -6.61 21.40
N GLU A 11 -22.14 -7.64 21.93
CA GLU A 11 -23.12 -7.47 23.01
C GLU A 11 -22.47 -7.02 24.30
N ILE A 12 -23.07 -6.01 24.91
CA ILE A 12 -22.57 -5.48 26.17
C ILE A 12 -23.42 -6.01 27.31
N PRO A 13 -22.78 -6.61 28.32
CA PRO A 13 -23.48 -7.01 29.54
C PRO A 13 -24.30 -5.85 30.10
N GLU A 14 -25.56 -6.10 30.40
CA GLU A 14 -26.48 -5.04 30.82
C GLU A 14 -26.05 -4.27 32.07
N VAL A 15 -25.28 -4.92 32.93
CA VAL A 15 -24.63 -4.26 34.05
C VAL A 15 -23.74 -3.11 33.56
N LEU A 16 -23.04 -3.34 32.44
CA LEU A 16 -22.13 -2.37 31.84
C LEU A 16 -22.85 -1.39 30.91
N LYS A 17 -23.96 -1.85 30.32
CA LYS A 17 -24.84 -0.96 29.55
C LYS A 17 -25.36 0.16 30.43
N LYS A 18 -25.83 -0.19 31.62
CA LYS A 18 -26.24 0.79 32.62
C LYS A 18 -25.09 1.72 32.94
N GLN A 19 -23.95 1.12 33.28
CA GLN A 19 -22.75 1.86 33.64
C GLN A 19 -22.44 2.92 32.59
N LEU A 20 -22.62 2.57 31.31
CA LEU A 20 -22.40 3.51 30.21
C LEU A 20 -23.39 4.66 30.20
N GLU A 21 -24.63 4.36 30.59
CA GLU A 21 -25.68 5.36 30.70
C GLU A 21 -25.39 6.29 31.86
N ASP A 22 -24.97 5.72 33.00
CA ASP A 22 -24.51 6.54 34.13
C ASP A 22 -23.39 7.48 33.68
N ASP A 23 -22.36 6.89 33.09
CA ASP A 23 -21.20 7.64 32.62
C ASP A 23 -21.64 8.88 31.84
N CYS A 24 -22.54 8.68 30.89
CA CYS A 24 -23.04 9.76 30.05
C CYS A 24 -23.66 10.87 30.90
N TYR A 25 -24.65 10.49 31.71
CA TYR A 25 -25.35 11.40 32.62
C TYR A 25 -24.39 12.28 33.43
N TYR A 26 -23.33 11.68 33.96
CA TYR A 26 -22.35 12.38 34.80
C TYR A 26 -21.68 13.55 34.10
N ILE A 27 -21.34 13.34 32.83
CA ILE A 27 -20.42 14.22 32.12
C ILE A 27 -21.07 15.40 31.41
N ASN A 28 -22.15 15.14 30.69
CA ASN A 28 -22.85 16.19 29.95
C ASN A 28 -24.17 16.66 30.56
N ARG A 29 -24.46 16.23 31.79
CA ARG A 29 -25.63 16.70 32.53
C ARG A 29 -25.27 17.19 33.94
N ARG A 30 -24.70 16.31 34.74
CA ARG A 30 -24.20 16.67 36.07
C ARG A 30 -22.86 17.40 35.98
N LYS A 31 -22.40 17.64 34.75
CA LYS A 31 -21.13 18.30 34.47
C LYS A 31 -19.97 17.83 35.36
N ARG A 32 -19.60 16.57 35.16
CA ARG A 32 -18.51 15.95 35.87
C ARG A 32 -17.47 15.39 34.90
N LEU A 33 -16.26 15.17 35.41
CA LEU A 33 -15.16 14.63 34.60
C LEU A 33 -14.41 13.58 35.40
N VAL A 34 -13.96 12.52 34.74
CA VAL A 34 -13.09 11.53 35.37
C VAL A 34 -11.79 12.24 35.76
N LYS A 35 -11.35 12.05 37.00
CA LYS A 35 -10.09 12.59 37.46
C LYS A 35 -8.96 11.89 36.73
N LEU A 36 -8.04 12.67 36.17
CA LEU A 36 -6.95 12.13 35.41
C LEU A 36 -5.61 12.61 35.96
N PRO A 37 -4.59 11.74 35.97
CA PRO A 37 -4.70 10.33 35.56
C PRO A 37 -5.43 9.48 36.59
N CYS A 38 -6.12 8.46 36.11
CA CYS A 38 -6.80 7.48 36.98
C CYS A 38 -5.79 6.72 37.81
N GLN A 39 -6.07 6.58 39.10
CA GLN A 39 -5.21 5.80 40.00
C GLN A 39 -5.00 4.40 39.45
N THR A 40 -6.06 3.85 38.85
CA THR A 40 -5.95 2.59 38.13
C THR A 40 -6.28 2.72 36.63
N ASN A 41 -5.22 2.78 35.83
CA ASN A 41 -5.31 3.07 34.40
C ASN A 41 -5.55 1.82 33.57
N ILE A 42 -5.65 2.00 32.27
CA ILE A 42 -6.03 0.94 31.36
C ILE A 42 -4.94 -0.12 31.23
N ILE A 43 -3.69 0.30 31.23
CA ILE A 43 -2.55 -0.62 31.27
C ILE A 43 -2.70 -1.63 32.43
N THR A 44 -3.00 -1.13 33.63
CA THR A 44 -3.09 -2.02 34.78
C THR A 44 -4.36 -2.87 34.74
N ILE A 45 -5.47 -2.32 34.25
CA ILE A 45 -6.71 -3.09 34.09
C ILE A 45 -6.46 -4.29 33.19
N LEU A 46 -5.79 -4.05 32.08
CA LEU A 46 -5.50 -5.08 31.10
C LEU A 46 -4.55 -6.13 31.68
N GLU A 47 -3.51 -5.67 32.38
CA GLU A 47 -2.57 -6.55 33.10
C GLU A 47 -3.31 -7.51 34.03
N SER A 48 -4.32 -6.96 34.71
CA SER A 48 -5.10 -7.69 35.71
C SER A 48 -5.90 -8.80 35.06
N TYR A 49 -6.51 -8.50 33.92
CA TYR A 49 -7.30 -9.48 33.21
C TYR A 49 -6.46 -10.67 32.77
N VAL A 50 -5.28 -10.40 32.21
CA VAL A 50 -4.37 -11.45 31.75
C VAL A 50 -4.03 -12.43 32.87
N LYS A 51 -3.70 -11.92 34.05
CA LYS A 51 -3.43 -12.77 35.21
C LYS A 51 -4.64 -13.64 35.49
N HIS A 52 -5.81 -13.00 35.51
CA HIS A 52 -7.07 -13.67 35.80
C HIS A 52 -7.42 -14.72 34.76
N PHE A 53 -7.17 -14.39 33.49
CA PHE A 53 -7.37 -15.33 32.40
C PHE A 53 -6.51 -16.58 32.52
N ALA A 54 -5.26 -16.39 32.93
CA ALA A 54 -4.27 -17.46 32.98
C ALA A 54 -4.52 -18.48 34.09
N ILE A 55 -4.94 -18.00 35.26
CA ILE A 55 -5.28 -18.88 36.35
C ILE A 55 -6.58 -19.61 36.06
N ASN A 56 -7.46 -18.98 35.30
CA ASN A 56 -8.74 -19.57 34.94
C ASN A 56 -8.61 -20.72 33.97
N ALA A 57 -7.81 -20.54 32.92
CA ALA A 57 -7.55 -21.59 31.94
C ALA A 57 -6.95 -22.82 32.60
N ALA A 58 -5.99 -22.59 33.49
CA ALA A 58 -5.32 -23.68 34.19
C ALA A 58 -6.28 -24.44 35.10
N PHE A 59 -7.06 -23.70 35.89
CA PHE A 59 -7.99 -24.31 36.85
C PHE A 59 -9.44 -24.00 36.44
N SER A 60 -10.09 -24.99 35.85
CA SER A 60 -11.48 -24.86 35.36
C SER A 60 -12.12 -26.22 35.04
N ALA A 61 -13.43 -26.33 35.27
CA ALA A 61 -14.23 -27.50 34.91
C ALA A 61 -13.48 -28.84 34.93
N ALA A 83 -9.42 -21.80 21.67
CA ALA A 83 -9.10 -20.36 21.66
C ALA A 83 -9.50 -19.67 22.96
N GLU A 84 -10.66 -20.04 23.49
CA GLU A 84 -11.16 -19.51 24.75
C GLU A 84 -10.24 -19.79 25.94
N LYS A 85 -9.39 -20.81 25.82
CA LYS A 85 -8.44 -21.15 26.87
C LYS A 85 -7.00 -20.71 26.55
N ASN A 86 -6.77 -20.27 25.32
CA ASN A 86 -5.43 -19.91 24.87
C ASN A 86 -4.94 -18.57 25.44
N VAL A 87 -4.06 -18.68 26.44
CA VAL A 87 -3.51 -17.52 27.13
C VAL A 87 -2.73 -16.57 26.19
N ASP A 88 -2.06 -17.15 25.19
CA ASP A 88 -1.30 -16.40 24.18
C ASP A 88 -2.22 -15.54 23.30
N LEU A 89 -3.33 -16.15 22.89
CA LEU A 89 -4.34 -15.47 22.08
C LEU A 89 -5.02 -14.32 22.86
N CYS A 90 -5.21 -14.55 24.16
CA CYS A 90 -5.71 -13.53 25.07
C CYS A 90 -4.77 -12.30 25.05
N LYS A 91 -3.47 -12.54 25.22
CA LYS A 91 -2.48 -11.48 25.26
C LYS A 91 -2.51 -10.59 24.01
N GLU A 92 -2.70 -11.20 22.83
CA GLU A 92 -2.81 -10.44 21.58
C GLU A 92 -4.02 -9.52 21.65
N MET A 93 -5.13 -10.05 22.12
CA MET A 93 -6.32 -9.23 22.26
C MET A 93 -6.06 -7.97 23.09
N VAL A 94 -5.46 -8.19 24.27
CA VAL A 94 -5.23 -7.13 25.25
C VAL A 94 -4.36 -6.03 24.65
N ASP A 95 -3.30 -6.47 23.95
CA ASP A 95 -2.37 -5.57 23.30
C ASP A 95 -3.07 -4.78 22.18
N GLY A 96 -3.88 -5.49 21.39
CA GLY A 96 -4.71 -4.87 20.38
C GLY A 96 -5.57 -3.78 20.99
N LEU A 97 -6.21 -4.08 22.11
CA LEU A 97 -7.04 -3.11 22.83
C LEU A 97 -6.30 -1.82 23.20
N ARG A 98 -5.08 -1.93 23.71
CA ARG A 98 -4.39 -0.73 24.16
C ARG A 98 -3.87 0.11 23.00
N ILE A 99 -3.53 -0.55 21.88
CA ILE A 99 -3.19 0.15 20.65
C ILE A 99 -4.44 0.80 20.10
N THR A 100 -5.52 0.03 19.98
CA THR A 100 -6.76 0.56 19.43
C THR A 100 -7.23 1.76 20.23
N PHE A 101 -7.16 1.68 21.56
CA PHE A 101 -7.61 2.76 22.44
C PHE A 101 -6.74 4.01 22.29
N ASP A 102 -5.43 3.83 22.37
CA ASP A 102 -4.48 4.93 22.17
C ASP A 102 -4.82 5.76 20.95
N TYR A 103 -5.24 5.12 19.87
CA TYR A 103 -5.52 5.82 18.63
C TYR A 103 -6.91 6.41 18.64
N THR A 104 -7.85 5.65 19.20
CA THR A 104 -9.27 5.95 19.10
C THR A 104 -9.70 7.08 20.01
N LEU A 105 -9.26 7.03 21.26
CA LEU A 105 -9.74 7.96 22.27
C LEU A 105 -9.93 9.39 21.78
N PRO A 106 -8.85 10.07 21.34
CA PRO A 106 -9.01 11.49 21.06
C PRO A 106 -9.84 11.79 19.80
N LEU A 107 -10.17 10.76 19.05
CA LEU A 107 -10.92 10.94 17.83
C LEU A 107 -12.41 10.68 18.02
N VAL A 108 -12.72 9.54 18.61
CA VAL A 108 -14.07 9.03 18.53
C VAL A 108 -14.71 8.69 19.89
N LEU A 109 -13.94 8.78 20.98
CA LEU A 109 -14.43 8.37 22.29
C LEU A 109 -14.68 9.49 23.30
N LEU A 110 -14.44 10.74 22.90
CA LEU A 110 -14.66 11.86 23.81
C LEU A 110 -16.03 12.49 23.67
N TYR A 111 -16.51 13.07 24.76
CA TYR A 111 -17.68 13.93 24.73
C TYR A 111 -17.22 15.38 24.53
N PRO A 112 -18.06 16.22 23.88
CA PRO A 112 -17.70 17.61 23.63
C PRO A 112 -17.10 18.33 24.83
N TYR A 113 -17.64 18.09 26.03
CA TYR A 113 -17.15 18.69 27.26
C TYR A 113 -15.74 18.22 27.66
N GLU A 114 -15.43 16.98 27.33
CA GLU A 114 -14.18 16.35 27.74
C GLU A 114 -12.97 16.82 26.94
N GLN A 115 -13.18 17.75 26.01
CA GLN A 115 -12.14 18.16 25.08
C GLN A 115 -11.03 18.94 25.73
N ALA A 116 -11.39 19.91 26.56
CA ALA A 116 -10.40 20.76 27.22
C ALA A 116 -9.50 19.95 28.14
N GLN A 117 -10.08 18.91 28.75
CA GLN A 117 -9.34 18.01 29.64
C GLN A 117 -8.22 17.29 28.88
N TYR A 118 -8.54 16.75 27.70
CA TYR A 118 -7.59 16.03 26.85
C TYR A 118 -6.41 16.90 26.44
N LYS A 119 -6.72 18.07 25.89
CA LYS A 119 -5.71 19.07 25.55
C LYS A 119 -4.75 19.33 26.73
N LYS A 120 -5.32 19.63 27.91
CA LYS A 120 -4.53 19.95 29.10
C LYS A 120 -3.68 18.77 29.58
N VAL A 121 -4.25 17.57 29.52
CA VAL A 121 -3.61 16.35 29.99
C VAL A 121 -2.38 15.93 29.17
N THR A 122 -2.54 15.89 27.84
CA THR A 122 -1.44 15.48 26.94
C THR A 122 -0.34 16.55 26.79
N SER A 123 -0.67 17.81 27.08
CA SER A 123 0.31 18.88 27.04
C SER A 123 1.38 18.77 28.14
N SER A 124 0.99 18.23 29.30
CA SER A 124 1.92 18.05 30.43
C SER A 124 2.43 16.62 30.58
N GLU A 133 8.72 8.85 27.34
CA GLU A 133 10.10 8.38 27.39
C GLU A 133 11.10 9.46 27.02
N PHE A 134 10.76 10.24 26.01
CA PHE A 134 11.63 11.34 25.55
C PHE A 134 10.98 12.69 25.81
N ASP A 135 10.04 12.70 26.76
CA ASP A 135 9.20 13.85 27.06
C ASP A 135 8.21 14.15 25.94
N GLN A 136 7.66 13.08 25.37
CA GLN A 136 6.61 13.16 24.35
C GLN A 136 5.23 13.18 25.06
N PRO A 137 4.12 13.01 24.30
CA PRO A 137 2.85 12.98 25.02
C PRO A 137 2.54 11.57 25.52
N PRO A 138 2.42 11.41 26.86
CA PRO A 138 1.99 10.10 27.37
C PRO A 138 0.77 9.63 26.58
N PRO A 139 0.74 8.33 26.23
CA PRO A 139 -0.34 7.76 25.44
C PRO A 139 -1.62 7.61 26.26
N PRO A 140 -2.81 7.80 25.65
CA PRO A 140 -4.06 7.71 26.39
C PRO A 140 -4.19 6.50 27.33
N SER A 141 -3.55 5.38 27.00
CA SER A 141 -3.61 4.16 27.83
C SER A 141 -3.07 4.31 29.23
N TYR A 142 -2.10 5.20 29.41
CA TYR A 142 -1.48 5.42 30.72
C TYR A 142 -2.18 6.50 31.55
N ILE A 143 -3.19 7.14 30.96
CA ILE A 143 -3.87 8.25 31.61
C ILE A 143 -5.32 7.90 31.96
N TYR A 144 -6.01 7.24 31.05
CA TYR A 144 -7.42 6.93 31.22
C TYR A 144 -7.65 5.57 31.87
N GLY A 145 -8.88 5.36 32.36
CA GLY A 145 -9.22 4.12 33.06
C GLY A 145 -10.40 3.35 32.49
N ALA A 146 -11.10 2.64 33.38
CA ALA A 146 -12.19 1.74 33.02
C ALA A 146 -13.35 2.46 32.34
N GLN A 147 -13.54 3.73 32.70
CA GLN A 147 -14.64 4.52 32.17
C GLN A 147 -14.55 4.65 30.64
N HIS A 148 -13.38 5.01 30.15
CA HIS A 148 -13.21 5.23 28.72
C HIS A 148 -12.96 3.95 27.96
N LEU A 149 -12.27 3.00 28.58
CA LEU A 149 -12.03 1.69 27.97
C LEU A 149 -13.31 1.03 27.53
N LEU A 150 -14.34 1.17 28.35
CA LEU A 150 -15.64 0.58 28.10
C LEU A 150 -16.28 1.24 26.89
N ARG A 151 -16.12 2.56 26.77
CA ARG A 151 -16.70 3.33 25.67
C ARG A 151 -16.28 2.72 24.34
N LEU A 152 -15.02 2.32 24.26
CA LEU A 152 -14.45 1.70 23.07
C LEU A 152 -15.26 0.49 22.57
N PHE A 153 -15.81 -0.30 23.48
CA PHE A 153 -16.59 -1.48 23.09
C PHE A 153 -17.88 -1.16 22.37
N VAL A 154 -18.28 0.11 22.44
CA VAL A 154 -19.41 0.62 21.67
C VAL A 154 -18.98 0.92 20.24
N LYS A 155 -17.80 1.49 20.08
CA LYS A 155 -17.31 1.88 18.76
C LYS A 155 -16.65 0.73 18.01
N LEU A 156 -16.18 -0.27 18.76
CA LEU A 156 -15.36 -1.35 18.21
C LEU A 156 -15.96 -2.04 16.98
N PRO A 157 -17.25 -2.42 17.02
CA PRO A 157 -17.82 -3.10 15.84
C PRO A 157 -17.63 -2.35 14.52
N GLU A 158 -17.90 -1.04 14.51
CA GLU A 158 -17.70 -0.23 13.30
C GLU A 158 -16.25 -0.25 12.84
N ILE A 159 -15.32 -0.08 13.79
CA ILE A 159 -13.89 -0.08 13.50
C ILE A 159 -13.44 -1.44 12.94
N LEU A 160 -13.88 -2.52 13.60
CA LEU A 160 -13.54 -3.89 13.19
C LEU A 160 -14.12 -4.25 11.83
N GLY A 161 -15.20 -3.58 11.45
CA GLY A 161 -15.80 -3.78 10.14
C GLY A 161 -14.86 -3.28 9.07
N LYS A 162 -14.16 -2.19 9.38
CA LYS A 162 -13.31 -1.51 8.41
C LYS A 162 -11.97 -2.20 8.10
N MET A 163 -11.48 -3.00 9.03
CA MET A 163 -10.32 -3.87 8.78
C MET A 163 -10.90 -5.24 8.45
N SER A 164 -10.61 -5.79 7.28
CA SER A 164 -11.28 -7.05 6.91
C SER A 164 -10.68 -8.30 7.58
N PHE A 165 -11.35 -8.77 8.62
CA PHE A 165 -10.91 -9.94 9.37
C PHE A 165 -11.36 -11.20 8.66
N SER A 166 -10.57 -12.26 8.76
CA SER A 166 -10.98 -13.57 8.29
C SER A 166 -12.04 -14.13 9.24
N GLU A 167 -12.88 -15.02 8.72
CA GLU A 167 -13.96 -15.63 9.50
C GLU A 167 -13.47 -16.27 10.79
N LYS A 168 -12.50 -17.17 10.66
CA LYS A 168 -11.99 -17.95 11.78
C LYS A 168 -11.40 -17.07 12.86
N ASN A 169 -10.65 -16.05 12.45
CA ASN A 169 -9.98 -15.16 13.39
C ASN A 169 -10.92 -14.19 14.09
N LEU A 170 -11.95 -13.71 13.38
CA LEU A 170 -12.90 -12.76 13.94
C LEU A 170 -13.72 -13.36 15.07
N LYS A 171 -14.30 -14.54 14.82
CA LYS A 171 -15.11 -15.22 15.85
C LYS A 171 -14.34 -15.42 17.14
N ALA A 172 -13.09 -15.88 17.00
CA ALA A 172 -12.21 -16.12 18.14
C ALA A 172 -11.95 -14.84 18.91
N LEU A 173 -11.81 -13.75 18.17
CA LEU A 173 -11.57 -12.45 18.75
C LEU A 173 -12.81 -11.95 19.50
N LEU A 174 -13.96 -12.04 18.83
CA LEU A 174 -15.20 -11.54 19.40
C LEU A 174 -15.55 -12.25 20.71
N LYS A 175 -15.28 -13.56 20.74
CA LYS A 175 -15.39 -14.35 21.96
C LYS A 175 -14.49 -13.84 23.08
N HIS A 176 -13.26 -13.45 22.74
CA HIS A 176 -12.32 -12.91 23.72
C HIS A 176 -12.74 -11.56 24.28
N PHE A 177 -13.56 -10.82 23.51
CA PHE A 177 -14.14 -9.59 24.01
C PHE A 177 -15.25 -9.91 25.00
N ASP A 178 -16.09 -10.89 24.66
CA ASP A 178 -17.16 -11.33 25.55
C ASP A 178 -16.61 -11.73 26.90
N LEU A 179 -15.57 -12.56 26.91
CA LEU A 179 -14.92 -12.96 28.14
C LEU A 179 -14.43 -11.76 28.93
N PHE A 180 -13.79 -10.82 28.23
CA PHE A 180 -13.28 -9.60 28.87
C PHE A 180 -14.44 -8.77 29.40
N LEU A 181 -15.54 -8.72 28.67
CA LEU A 181 -16.65 -7.91 29.09
C LEU A 181 -17.30 -8.55 30.29
N ARG A 182 -17.35 -9.88 30.29
CA ARG A 182 -17.89 -10.67 31.40
C ARG A 182 -17.05 -10.39 32.63
N PHE A 183 -15.73 -10.38 32.45
CA PHE A 183 -14.78 -10.05 33.51
C PHE A 183 -14.99 -8.64 34.02
N LEU A 184 -15.23 -7.72 33.10
CA LEU A 184 -15.48 -6.34 33.44
C LEU A 184 -16.80 -6.16 34.22
N ALA A 185 -17.80 -6.97 33.88
CA ALA A 185 -19.09 -6.92 34.55
C ALA A 185 -19.00 -7.58 35.92
N GLU A 186 -18.29 -8.70 35.99
CA GLU A 186 -18.14 -9.47 37.22
C GLU A 186 -17.49 -8.67 38.35
N TYR A 187 -16.58 -7.76 38.00
CA TYR A 187 -15.89 -6.93 38.99
C TYR A 187 -16.20 -5.44 38.80
N HIS A 188 -17.43 -5.17 38.34
CA HIS A 188 -17.88 -3.81 38.04
C HIS A 188 -17.76 -2.83 39.22
N ASP A 189 -18.05 -3.32 40.43
CA ASP A 189 -17.96 -2.48 41.63
C ASP A 189 -16.56 -1.97 41.92
N ASP A 190 -15.55 -2.81 41.63
CA ASP A 190 -14.17 -2.44 41.87
C ASP A 190 -13.63 -1.51 40.78
N PHE A 191 -13.91 -1.84 39.51
CA PHE A 191 -13.42 -1.06 38.37
C PHE A 191 -14.10 0.30 38.20
N PHE A 192 -15.35 0.41 38.66
CA PHE A 192 -16.13 1.63 38.48
C PHE A 192 -16.58 2.24 39.80
N PRO A 193 -15.65 2.84 40.58
CA PRO A 193 -16.13 3.62 41.71
C PRO A 193 -16.72 4.95 41.22
N GLU A 194 -17.75 5.42 41.91
CA GLU A 194 -18.38 6.69 41.62
C GLU A 194 -17.43 7.85 41.88
N SER A 195 -16.56 7.67 42.87
CA SER A 195 -15.57 8.69 43.26
C SER A 195 -14.55 8.95 42.16
N ALA A 196 -14.65 8.22 41.05
CA ALA A 196 -13.82 8.45 39.89
C ALA A 196 -14.12 9.78 39.19
N TYR A 197 -15.30 10.33 39.43
CA TYR A 197 -15.77 11.54 38.72
C TYR A 197 -15.51 12.83 39.51
N VAL A 198 -15.37 13.95 38.80
CA VAL A 198 -14.89 15.21 39.40
C VAL A 198 -15.74 16.44 38.97
N ALA A 199 -15.51 17.61 39.60
CA ALA A 199 -16.31 18.80 39.30
C ALA A 199 -15.55 20.14 39.38
N ALA A 200 -14.24 20.12 39.12
CA ALA A 200 -13.36 21.29 39.27
C ALA A 200 -13.20 21.69 40.74
N THR B 7 17.48 -18.46 -5.41
CA THR B 7 17.22 -17.70 -6.67
C THR B 7 16.49 -18.56 -7.69
N ILE B 8 15.67 -17.89 -8.50
CA ILE B 8 14.84 -18.51 -9.54
C ILE B 8 15.64 -18.75 -10.84
N THR B 9 15.51 -19.95 -11.41
CA THR B 9 16.13 -20.24 -12.70
C THR B 9 15.07 -20.63 -13.74
N ILE B 10 15.13 -20.00 -14.92
CA ILE B 10 14.34 -20.41 -16.07
C ILE B 10 15.26 -20.84 -17.21
N GLU B 11 15.40 -22.15 -17.38
CA GLU B 11 16.28 -22.72 -18.39
C GLU B 11 15.79 -22.43 -19.80
N ILE B 12 16.72 -21.98 -20.63
CA ILE B 12 16.44 -21.68 -22.02
C ILE B 12 16.91 -22.82 -22.91
N PRO B 13 15.99 -23.36 -23.74
CA PRO B 13 16.38 -24.34 -24.74
C PRO B 13 17.58 -23.84 -25.54
N GLU B 14 18.61 -24.68 -25.67
CA GLU B 14 19.86 -24.28 -26.32
C GLU B 14 19.71 -23.79 -27.76
N VAL B 15 18.67 -24.25 -28.46
CA VAL B 15 18.30 -23.72 -29.78
C VAL B 15 18.03 -22.22 -29.69
N LEU B 16 17.37 -21.81 -28.60
CA LEU B 16 16.99 -20.42 -28.36
C LEU B 16 18.13 -19.63 -27.70
N LYS B 17 18.97 -20.33 -26.93
CA LYS B 17 20.19 -19.73 -26.38
C LYS B 17 21.08 -19.23 -27.52
N LYS B 18 21.28 -20.07 -28.52
CA LYS B 18 22.02 -19.69 -29.73
C LYS B 18 21.35 -18.50 -30.37
N GLN B 19 20.05 -18.62 -30.59
CA GLN B 19 19.26 -17.58 -31.22
C GLN B 19 19.49 -16.23 -30.54
N LEU B 20 19.57 -16.24 -29.21
CA LEU B 20 19.84 -15.03 -28.43
C LEU B 20 21.24 -14.46 -28.70
N GLU B 21 22.20 -15.36 -28.90
CA GLU B 21 23.57 -14.98 -29.20
C GLU B 21 23.62 -14.38 -30.60
N ASP B 22 22.94 -15.01 -31.56
CA ASP B 22 22.80 -14.44 -32.90
C ASP B 22 22.23 -13.02 -32.82
N ASP B 23 21.09 -12.91 -32.15
CA ASP B 23 20.39 -11.65 -31.98
C ASP B 23 21.35 -10.55 -31.56
N CYS B 24 22.14 -10.82 -30.54
CA CYS B 24 23.12 -9.88 -30.00
C CYS B 24 24.10 -9.44 -31.10
N TYR B 25 24.77 -10.41 -31.70
CA TYR B 25 25.74 -10.18 -32.78
C TYR B 25 25.19 -9.26 -33.87
N TYR B 26 23.93 -9.47 -34.26
CA TYR B 26 23.30 -8.69 -35.32
C TYR B 26 23.23 -7.20 -35.04
N ILE B 27 22.93 -6.87 -33.78
CA ILE B 27 22.51 -5.51 -33.41
C ILE B 27 23.67 -4.58 -33.05
N ASN B 28 24.58 -5.07 -32.21
CA ASN B 28 25.69 -4.25 -31.74
C ASN B 28 27.04 -4.59 -32.36
N ARG B 29 27.03 -5.43 -33.40
CA ARG B 29 28.25 -5.73 -34.18
C ARG B 29 28.05 -5.55 -35.67
N ARG B 30 27.09 -6.30 -36.24
CA ARG B 30 26.71 -6.16 -37.64
C ARG B 30 25.82 -4.93 -37.85
N LYS B 31 25.59 -4.19 -36.77
CA LYS B 31 24.75 -2.99 -36.77
C LYS B 31 23.44 -3.16 -37.56
N ARG B 32 22.59 -4.02 -37.05
CA ARG B 32 21.29 -4.28 -37.63
C ARG B 32 20.17 -4.05 -36.60
N LEU B 33 18.95 -3.88 -37.10
CA LEU B 33 17.80 -3.64 -36.25
C LEU B 33 16.61 -4.44 -36.77
N VAL B 34 15.79 -4.95 -35.85
CA VAL B 34 14.55 -5.62 -36.24
C VAL B 34 13.67 -4.57 -36.91
N LYS B 35 13.11 -4.90 -38.07
CA LYS B 35 12.16 -4.03 -38.75
C LYS B 35 10.88 -3.95 -37.92
N LEU B 36 10.43 -2.73 -37.67
CA LEU B 36 9.26 -2.51 -36.86
C LEU B 36 8.22 -1.67 -37.61
N PRO B 37 6.93 -2.00 -37.43
CA PRO B 37 6.45 -3.14 -36.65
C PRO B 37 6.68 -4.48 -37.36
N CYS B 38 6.92 -5.51 -36.56
CA CYS B 38 7.05 -6.88 -37.06
C CYS B 38 5.76 -7.34 -37.71
N GLN B 39 5.87 -7.96 -38.88
CA GLN B 39 4.69 -8.50 -39.57
C GLN B 39 3.95 -9.46 -38.67
N THR B 40 4.71 -10.19 -37.86
CA THR B 40 4.12 -11.04 -36.83
C THR B 40 4.56 -10.62 -35.42
N ASN B 41 3.68 -9.89 -34.74
CA ASN B 41 3.98 -9.30 -33.44
C ASN B 41 3.73 -10.24 -32.27
N ILE B 42 3.99 -9.76 -31.07
CA ILE B 42 3.92 -10.57 -29.88
C ILE B 42 2.50 -10.97 -29.53
N ILE B 43 1.54 -10.07 -29.76
CA ILE B 43 0.13 -10.40 -29.59
C ILE B 43 -0.24 -11.66 -30.41
N THR B 44 0.18 -11.71 -31.66
CA THR B 44 -0.21 -12.83 -32.51
C THR B 44 0.58 -14.11 -32.14
N ILE B 45 1.85 -13.95 -31.75
CA ILE B 45 2.64 -15.11 -31.31
C ILE B 45 1.95 -15.76 -30.14
N LEU B 46 1.52 -14.95 -29.20
CA LEU B 46 0.89 -15.44 -27.98
C LEU B 46 -0.47 -16.09 -28.27
N GLU B 47 -1.24 -15.46 -29.15
CA GLU B 47 -2.51 -16.03 -29.65
C GLU B 47 -2.32 -17.42 -30.26
N SER B 48 -1.21 -17.58 -30.97
CA SER B 48 -0.88 -18.81 -31.66
C SER B 48 -0.61 -19.93 -30.67
N TYR B 49 0.15 -19.60 -29.63
CA TYR B 49 0.49 -20.58 -28.61
C TYR B 49 -0.75 -21.13 -27.92
N VAL B 50 -1.66 -20.24 -27.53
CA VAL B 50 -2.89 -20.62 -26.85
C VAL B 50 -3.70 -21.64 -27.68
N LYS B 51 -3.83 -21.39 -28.99
CA LYS B 51 -4.50 -22.34 -29.87
C LYS B 51 -3.82 -23.69 -29.81
N HIS B 52 -2.49 -23.68 -29.93
CA HIS B 52 -1.67 -24.88 -29.94
C HIS B 52 -1.69 -25.62 -28.60
N PHE B 53 -1.75 -24.86 -27.51
CA PHE B 53 -1.88 -25.43 -26.18
C PHE B 53 -3.19 -26.21 -26.01
N ALA B 54 -4.27 -25.63 -26.51
CA ALA B 54 -5.63 -26.11 -26.33
C ALA B 54 -5.90 -27.45 -27.02
N ILE B 55 -5.29 -27.64 -28.18
CA ILE B 55 -5.46 -28.87 -28.94
C ILE B 55 -4.54 -29.96 -28.40
N ASN B 56 -3.35 -29.54 -27.97
CA ASN B 56 -2.37 -30.44 -27.38
C ASN B 56 -2.79 -30.96 -26.01
N ALA B 57 -3.88 -30.44 -25.48
CA ALA B 57 -4.47 -30.95 -24.26
C ALA B 57 -5.54 -31.95 -24.64
N ALA B 58 -6.58 -31.45 -25.30
CA ALA B 58 -7.73 -32.25 -25.74
C ALA B 58 -7.32 -33.58 -26.37
N PHE B 59 -6.22 -33.55 -27.12
CA PHE B 59 -5.65 -34.74 -27.72
C PHE B 59 -4.20 -34.83 -27.27
N SER B 60 -3.83 -35.99 -26.72
CA SER B 60 -2.51 -36.22 -26.09
C SER B 60 -2.49 -37.54 -25.33
N ALA B 61 -1.39 -38.28 -25.49
CA ALA B 61 -1.17 -39.56 -24.81
C ALA B 61 -2.38 -40.51 -24.92
N ALA B 83 -2.14 -28.49 -13.64
CA ALA B 83 -1.57 -27.22 -14.12
C ALA B 83 -0.90 -27.40 -15.49
N GLU B 84 -0.40 -28.61 -15.75
CA GLU B 84 0.26 -28.91 -17.01
C GLU B 84 -0.69 -28.73 -18.20
N LYS B 85 -1.88 -29.31 -18.11
CA LYS B 85 -2.86 -29.34 -19.21
C LYS B 85 -3.97 -28.28 -19.10
N ASN B 86 -3.81 -27.34 -18.17
CA ASN B 86 -4.86 -26.38 -17.85
C ASN B 86 -4.91 -25.19 -18.81
N VAL B 87 -5.88 -25.21 -19.74
CA VAL B 87 -5.97 -24.18 -20.77
C VAL B 87 -6.22 -22.76 -20.20
N ASP B 88 -7.00 -22.67 -19.12
CA ASP B 88 -7.28 -21.41 -18.42
C ASP B 88 -6.03 -20.82 -17.76
N LEU B 89 -5.26 -21.71 -17.13
CA LEU B 89 -4.01 -21.34 -16.48
C LEU B 89 -2.98 -20.87 -17.50
N CYS B 90 -2.96 -21.52 -18.67
CA CYS B 90 -2.14 -21.09 -19.79
C CYS B 90 -2.44 -19.64 -20.18
N LYS B 91 -3.73 -19.34 -20.37
CA LYS B 91 -4.18 -18.01 -20.77
C LYS B 91 -3.71 -16.90 -19.81
N GLU B 92 -3.71 -17.18 -18.51
CA GLU B 92 -3.21 -16.23 -17.52
C GLU B 92 -1.74 -15.95 -17.77
N MET B 93 -0.98 -17.02 -17.99
CA MET B 93 0.44 -16.86 -18.28
C MET B 93 0.69 -15.91 -19.44
N VAL B 94 -0.01 -16.16 -20.55
CA VAL B 94 0.17 -15.44 -21.80
C VAL B 94 -0.14 -13.96 -21.61
N ASP B 95 -1.22 -13.70 -20.88
CA ASP B 95 -1.63 -12.34 -20.57
C ASP B 95 -0.60 -11.64 -19.67
N GLY B 96 -0.11 -12.38 -18.68
CA GLY B 96 0.98 -11.91 -17.84
C GLY B 96 2.17 -11.49 -18.67
N LEU B 97 2.56 -12.35 -19.62
CA LEU B 97 3.68 -12.07 -20.52
C LEU B 97 3.53 -10.76 -21.28
N ARG B 98 2.34 -10.50 -21.81
CA ARG B 98 2.18 -9.30 -22.62
C ARG B 98 2.15 -8.02 -21.78
N ILE B 99 1.64 -8.13 -20.55
CA ILE B 99 1.70 -7.03 -19.58
C ILE B 99 3.14 -6.83 -19.17
N THR B 100 3.80 -7.93 -18.77
CA THR B 100 5.18 -7.85 -18.33
C THR B 100 6.06 -7.24 -19.40
N PHE B 101 5.87 -7.66 -20.65
CA PHE B 101 6.70 -7.18 -21.75
C PHE B 101 6.47 -5.69 -21.99
N ASP B 102 5.19 -5.32 -22.12
CA ASP B 102 4.82 -3.91 -22.31
C ASP B 102 5.57 -2.98 -21.38
N TYR B 103 5.73 -3.39 -20.13
CA TYR B 103 6.35 -2.57 -19.11
C TYR B 103 7.86 -2.64 -19.21
N THR B 104 8.36 -3.85 -19.43
CA THR B 104 9.77 -4.18 -19.33
C THR B 104 10.58 -3.63 -20.49
N LEU B 105 10.10 -3.89 -21.70
CA LEU B 105 10.84 -3.57 -22.91
C LEU B 105 11.66 -2.26 -22.81
N PRO B 106 11.00 -1.10 -22.67
CA PRO B 106 11.78 0.13 -22.80
C PRO B 106 12.71 0.39 -21.64
N LEU B 107 12.62 -0.43 -20.61
CA LEU B 107 13.47 -0.24 -19.44
C LEU B 107 14.68 -1.17 -19.43
N VAL B 108 14.43 -2.45 -19.65
CA VAL B 108 15.44 -3.43 -19.35
C VAL B 108 15.79 -4.39 -20.51
N LEU B 109 15.07 -4.28 -21.63
CA LEU B 109 15.25 -5.22 -22.75
C LEU B 109 15.88 -4.63 -24.02
N LEU B 110 16.25 -3.36 -24.00
CA LEU B 110 16.85 -2.75 -25.18
C LEU B 110 18.36 -2.78 -25.13
N TYR B 111 18.98 -2.77 -26.31
CA TYR B 111 20.40 -2.53 -26.45
C TYR B 111 20.62 -1.03 -26.70
N PRO B 112 21.77 -0.48 -26.25
CA PRO B 112 22.06 0.95 -26.43
C PRO B 112 21.75 1.50 -27.83
N TYR B 113 22.06 0.72 -28.87
CA TYR B 113 21.79 1.10 -30.25
C TYR B 113 20.29 1.18 -30.60
N GLU B 114 19.50 0.33 -29.96
CA GLU B 114 18.08 0.22 -30.25
C GLU B 114 17.23 1.36 -29.69
N GLN B 115 17.87 2.32 -29.04
CA GLN B 115 17.18 3.38 -28.33
C GLN B 115 16.47 4.36 -29.25
N ALA B 116 17.16 4.81 -30.29
CA ALA B 116 16.59 5.76 -31.23
C ALA B 116 15.36 5.18 -31.94
N GLN B 117 15.40 3.87 -32.18
CA GLN B 117 14.29 3.16 -32.83
C GLN B 117 13.03 3.22 -31.97
N TYR B 118 13.18 2.95 -30.67
CA TYR B 118 12.06 2.99 -29.72
C TYR B 118 11.39 4.36 -29.66
N LYS B 119 12.20 5.39 -29.44
CA LYS B 119 11.73 6.77 -29.46
C LYS B 119 10.92 7.08 -30.73
N LYS B 120 11.47 6.75 -31.90
CA LYS B 120 10.82 7.01 -33.18
C LYS B 120 9.52 6.24 -33.36
N VAL B 121 9.53 4.97 -32.93
CA VAL B 121 8.40 4.07 -33.08
C VAL B 121 7.16 4.48 -32.25
N THR B 122 7.36 4.74 -30.97
CA THR B 122 6.26 5.11 -30.07
C THR B 122 5.73 6.55 -30.30
N SER B 123 6.55 7.41 -30.90
CA SER B 123 6.13 8.76 -31.23
C SER B 123 5.06 8.81 -32.33
N SER B 124 5.10 7.85 -33.26
CA SER B 124 4.12 7.77 -34.36
C SER B 124 3.04 6.72 -34.13
N GLU B 133 -5.74 3.65 -29.23
CA GLU B 133 -7.20 3.81 -29.24
C GLU B 133 -7.61 5.28 -29.25
N PHE B 134 -6.91 6.10 -28.48
CA PHE B 134 -7.20 7.54 -28.42
C PHE B 134 -6.05 8.35 -28.99
N ASP B 135 -5.26 7.69 -29.84
CA ASP B 135 -4.03 8.23 -30.41
C ASP B 135 -2.94 8.37 -29.35
N GLN B 136 -2.86 7.38 -28.47
CA GLN B 136 -1.82 7.28 -27.46
C GLN B 136 -0.62 6.51 -28.04
N PRO B 137 0.37 6.12 -27.21
CA PRO B 137 1.46 5.35 -27.80
C PRO B 137 1.11 3.86 -27.86
N PRO B 138 1.06 3.28 -29.09
CA PRO B 138 0.87 1.84 -29.18
C PRO B 138 1.80 1.12 -28.20
N PRO B 139 1.29 0.10 -27.50
CA PRO B 139 2.07 -0.63 -26.51
C PRO B 139 3.10 -1.55 -27.19
N PRO B 140 4.30 -1.71 -26.58
CA PRO B 140 5.35 -2.53 -27.16
C PRO B 140 4.89 -3.89 -27.72
N SER B 141 3.86 -4.48 -27.13
CA SER B 141 3.34 -5.79 -27.57
C SER B 141 2.83 -5.83 -29.00
N TYR B 142 2.33 -4.71 -29.50
CA TYR B 142 1.77 -4.63 -30.84
C TYR B 142 2.80 -4.21 -31.89
N ILE B 143 4.03 -3.95 -31.44
CA ILE B 143 5.07 -3.45 -32.33
C ILE B 143 6.20 -4.48 -32.47
N TYR B 144 6.60 -5.08 -31.37
CA TYR B 144 7.73 -6.00 -31.35
C TYR B 144 7.31 -7.45 -31.58
N GLY B 145 8.29 -8.31 -31.88
CA GLY B 145 8.02 -9.70 -32.18
C GLY B 145 8.82 -10.69 -31.37
N ALA B 146 9.09 -11.84 -31.98
CA ALA B 146 9.70 -12.98 -31.30
C ALA B 146 11.09 -12.68 -30.78
N GLN B 147 11.81 -11.79 -31.47
CA GLN B 147 13.17 -11.41 -31.10
C GLN B 147 13.23 -10.83 -29.69
N HIS B 148 12.36 -9.88 -29.40
CA HIS B 148 12.39 -9.21 -28.11
C HIS B 148 11.68 -9.99 -27.02
N LEU B 149 10.61 -10.68 -27.38
CA LEU B 149 9.86 -11.54 -26.45
C LEU B 149 10.77 -12.51 -25.74
N LEU B 150 11.70 -13.07 -26.51
CA LEU B 150 12.65 -14.06 -26.01
C LEU B 150 13.59 -13.43 -25.01
N ARG B 151 14.00 -12.20 -25.27
CA ARG B 151 14.92 -11.46 -24.39
C ARG B 151 14.37 -11.43 -22.97
N LEU B 152 13.07 -11.20 -22.87
CA LEU B 152 12.37 -11.18 -21.60
C LEU B 152 12.62 -12.41 -20.72
N PHE B 153 12.71 -13.58 -21.34
CA PHE B 153 12.94 -14.82 -20.58
C PHE B 153 14.29 -14.90 -19.90
N VAL B 154 15.19 -13.99 -20.30
CA VAL B 154 16.47 -13.82 -19.64
C VAL B 154 16.31 -12.98 -18.37
N LYS B 155 15.49 -11.94 -18.46
CA LYS B 155 15.32 -11.03 -17.34
C LYS B 155 14.27 -11.53 -16.35
N LEU B 156 13.37 -12.40 -16.82
CA LEU B 156 12.21 -12.82 -16.04
C LEU B 156 12.52 -13.30 -14.62
N PRO B 157 13.52 -14.19 -14.46
CA PRO B 157 13.84 -14.69 -13.11
C PRO B 157 14.09 -13.58 -12.07
N GLU B 158 14.94 -12.60 -12.41
CA GLU B 158 15.14 -11.37 -11.62
C GLU B 158 13.83 -10.71 -11.19
N ILE B 159 12.97 -10.47 -12.18
CA ILE B 159 11.71 -9.77 -11.98
C ILE B 159 10.77 -10.60 -11.08
N LEU B 160 10.66 -11.89 -11.38
CA LEU B 160 9.81 -12.81 -10.64
C LEU B 160 10.26 -12.99 -9.19
N GLY B 161 11.55 -12.78 -8.94
CA GLY B 161 12.08 -12.81 -7.59
C GLY B 161 11.51 -11.66 -6.78
N LYS B 162 11.34 -10.52 -7.43
CA LYS B 162 10.93 -9.28 -6.74
C LYS B 162 9.44 -9.22 -6.35
N MET B 163 8.60 -9.98 -7.04
CA MET B 163 7.21 -10.16 -6.63
C MET B 163 7.16 -11.48 -5.88
N SER B 164 6.72 -11.50 -4.62
CA SER B 164 6.81 -12.77 -3.89
C SER B 164 5.70 -13.78 -4.22
N PHE B 165 6.04 -14.75 -5.06
CA PHE B 165 5.10 -15.79 -5.45
C PHE B 165 5.00 -16.86 -4.37
N SER B 166 3.83 -17.45 -4.23
CA SER B 166 3.68 -18.63 -3.37
C SER B 166 4.32 -19.83 -4.06
N GLU B 167 4.75 -20.81 -3.27
CA GLU B 167 5.41 -22.01 -3.76
C GLU B 167 4.62 -22.71 -4.85
N LYS B 168 3.37 -23.06 -4.53
CA LYS B 168 2.50 -23.82 -5.43
C LYS B 168 2.27 -23.11 -6.75
N ASN B 169 2.05 -21.79 -6.69
CA ASN B 169 1.76 -20.99 -7.87
C ASN B 169 2.98 -20.77 -8.77
N LEU B 170 4.16 -20.60 -8.15
CA LEU B 170 5.39 -20.35 -8.91
C LEU B 170 5.80 -21.55 -9.74
N LYS B 171 5.83 -22.74 -9.14
CA LYS B 171 6.21 -23.95 -9.86
C LYS B 171 5.33 -24.15 -11.10
N ALA B 172 4.03 -23.98 -10.92
CA ALA B 172 3.06 -24.14 -12.01
C ALA B 172 3.33 -23.14 -13.13
N LEU B 173 3.72 -21.93 -12.73
CA LEU B 173 4.02 -20.88 -13.66
C LEU B 173 5.30 -21.18 -14.43
N LEU B 174 6.35 -21.55 -13.71
CA LEU B 174 7.64 -21.83 -14.31
C LEU B 174 7.56 -22.95 -15.33
N LYS B 175 6.76 -23.99 -15.00
CA LYS B 175 6.44 -25.06 -15.94
C LYS B 175 5.77 -24.54 -17.23
N HIS B 176 4.86 -23.59 -17.10
CA HIS B 176 4.19 -23.01 -18.25
C HIS B 176 5.10 -22.16 -19.13
N PHE B 177 6.20 -21.67 -18.55
CA PHE B 177 7.22 -21.00 -19.34
C PHE B 177 8.03 -22.02 -20.12
N ASP B 178 8.38 -23.13 -19.47
CA ASP B 178 9.09 -24.23 -20.12
C ASP B 178 8.35 -24.72 -21.35
N LEU B 179 7.06 -24.98 -21.19
CA LEU B 179 6.21 -25.40 -22.30
C LEU B 179 6.24 -24.38 -23.42
N PHE B 180 6.10 -23.10 -23.06
CA PHE B 180 6.12 -22.02 -24.05
C PHE B 180 7.49 -21.94 -24.72
N LEU B 181 8.55 -22.14 -23.95
CA LEU B 181 9.88 -22.07 -24.52
C LEU B 181 10.11 -23.24 -25.44
N ARG B 182 9.59 -24.41 -25.05
CA ARG B 182 9.63 -25.64 -25.86
C ARG B 182 8.96 -25.37 -27.18
N PHE B 183 7.78 -24.75 -27.10
CA PHE B 183 6.99 -24.37 -28.28
C PHE B 183 7.76 -23.40 -29.14
N LEU B 184 8.43 -22.45 -28.49
CA LEU B 184 9.21 -21.44 -29.19
C LEU B 184 10.44 -22.07 -29.90
N ALA B 185 11.03 -23.09 -29.28
CA ALA B 185 12.15 -23.80 -29.86
C ALA B 185 11.69 -24.72 -30.99
N GLU B 186 10.56 -25.40 -30.79
CA GLU B 186 10.02 -26.35 -31.76
C GLU B 186 9.71 -25.70 -33.10
N TYR B 187 9.33 -24.43 -33.09
CA TYR B 187 8.98 -23.71 -34.31
C TYR B 187 9.90 -22.52 -34.53
N HIS B 188 11.14 -22.66 -34.08
CA HIS B 188 12.15 -21.61 -34.15
C HIS B 188 12.38 -21.05 -35.57
N ASP B 189 12.37 -21.93 -36.56
CA ASP B 189 12.57 -21.52 -37.95
C ASP B 189 11.51 -20.55 -38.45
N ASP B 190 10.27 -20.77 -38.02
CA ASP B 190 9.14 -19.94 -38.45
C ASP B 190 9.13 -18.61 -37.70
N PHE B 191 9.32 -18.65 -36.38
CA PHE B 191 9.28 -17.44 -35.55
C PHE B 191 10.48 -16.52 -35.72
N PHE B 192 11.63 -17.09 -36.11
CA PHE B 192 12.87 -16.32 -36.23
C PHE B 192 13.46 -16.34 -37.64
N PRO B 193 12.82 -15.64 -38.59
CA PRO B 193 13.52 -15.50 -39.87
C PRO B 193 14.63 -14.48 -39.76
N GLU B 194 15.72 -14.72 -40.46
CA GLU B 194 16.86 -13.82 -40.50
C GLU B 194 16.47 -12.49 -41.15
N SER B 195 15.55 -12.55 -42.10
CA SER B 195 15.07 -11.36 -42.82
C SER B 195 14.32 -10.38 -41.92
N ALA B 196 14.17 -10.75 -40.65
CA ALA B 196 13.58 -9.86 -39.65
C ALA B 196 14.47 -8.66 -39.35
N TYR B 197 15.76 -8.76 -39.68
CA TYR B 197 16.73 -7.71 -39.34
C TYR B 197 17.00 -6.77 -40.52
N VAL B 198 17.39 -5.52 -40.20
CA VAL B 198 17.43 -4.44 -41.20
C VAL B 198 18.72 -3.58 -41.12
N ALA B 199 19.09 -2.97 -42.26
CA ALA B 199 20.28 -2.11 -42.33
C ALA B 199 19.98 -0.59 -42.30
N ALA B 200 18.75 -0.23 -42.69
CA ALA B 200 18.29 1.17 -42.67
C ALA B 200 19.30 2.16 -43.25
N THR C 7 20.09 11.58 -4.62
CA THR C 7 20.19 10.65 -3.46
C THR C 7 20.70 11.36 -2.22
N ILE C 8 20.23 10.89 -1.06
CA ILE C 8 20.56 11.44 0.26
C ILE C 8 21.89 10.89 0.79
N THR C 9 22.74 11.78 1.30
CA THR C 9 23.99 11.36 1.93
C THR C 9 24.03 11.78 3.39
N ILE C 10 24.38 10.85 4.28
CA ILE C 10 24.66 11.17 5.68
C ILE C 10 26.10 10.80 6.00
N GLU C 11 26.98 11.81 6.02
CA GLU C 11 28.41 11.62 6.27
C GLU C 11 28.68 11.11 7.68
N ILE C 12 29.52 10.08 7.76
CA ILE C 12 29.90 9.51 9.05
C ILE C 12 31.28 10.02 9.43
N PRO C 13 31.41 10.60 10.64
CA PRO C 13 32.71 10.97 11.18
C PRO C 13 33.68 9.79 11.08
N GLU C 14 34.86 10.04 10.55
CA GLU C 14 35.83 8.97 10.28
C GLU C 14 36.24 8.14 11.50
N VAL C 15 36.18 8.76 12.68
CA VAL C 15 36.35 8.03 13.95
C VAL C 15 35.33 6.88 14.06
N LEU C 16 34.09 7.15 13.63
CA LEU C 16 32.99 6.20 13.68
C LEU C 16 32.98 5.26 12.47
N LYS C 17 33.49 5.76 11.34
CA LYS C 17 33.71 4.93 10.17
C LYS C 17 34.65 3.77 10.50
N LYS C 18 35.76 4.09 11.16
CA LYS C 18 36.69 3.08 11.65
C LYS C 18 35.97 2.12 12.58
N GLN C 19 35.27 2.70 13.56
CA GLN C 19 34.54 1.93 14.55
C GLN C 19 33.65 0.88 13.87
N LEU C 20 33.00 1.28 12.79
CA LEU C 20 32.14 0.37 12.02
C LEU C 20 32.92 -0.76 11.36
N GLU C 21 34.12 -0.44 10.91
CA GLU C 21 35.01 -1.43 10.31
C GLU C 21 35.49 -2.43 11.37
N ASP C 22 35.86 -1.90 12.54
CA ASP C 22 36.19 -2.75 13.70
C ASP C 22 35.04 -3.69 14.00
N ASP C 23 33.86 -3.10 14.19
CA ASP C 23 32.62 -3.83 14.49
C ASP C 23 32.45 -5.04 13.57
N CYS C 24 32.59 -4.81 12.27
CA CYS C 24 32.48 -5.86 11.26
C CYS C 24 33.49 -6.98 11.51
N TYR C 25 34.77 -6.62 11.58
CA TYR C 25 35.88 -7.55 11.82
C TYR C 25 35.64 -8.46 13.02
N TYR C 26 35.12 -7.88 14.11
CA TYR C 26 34.84 -8.63 15.35
C TYR C 26 33.85 -9.78 15.15
N ILE C 27 32.80 -9.54 14.37
CA ILE C 27 31.64 -10.41 14.35
C ILE C 27 31.73 -11.57 13.36
N ASN C 28 32.14 -11.26 12.12
CA ASN C 28 32.21 -12.26 11.07
C ASN C 28 33.62 -12.74 10.71
N ARG C 29 34.60 -12.35 11.53
CA ARG C 29 35.98 -12.84 11.38
C ARG C 29 36.54 -13.38 12.69
N ARG C 30 36.59 -12.52 13.71
CA ARG C 30 37.00 -12.93 15.06
C ARG C 30 35.88 -13.68 15.79
N LYS C 31 34.78 -13.88 15.09
CA LYS C 31 33.59 -14.57 15.61
C LYS C 31 33.23 -14.14 17.04
N ARG C 32 32.81 -12.88 17.15
CA ARG C 32 32.40 -12.30 18.42
C ARG C 32 31.00 -11.70 18.33
N LEU C 33 30.35 -11.54 19.48
CA LEU C 33 29.01 -10.99 19.52
C LEU C 33 28.91 -9.99 20.66
N VAL C 34 28.14 -8.92 20.44
CA VAL C 34 27.87 -7.96 21.50
C VAL C 34 27.07 -8.68 22.57
N LYS C 35 27.51 -8.55 23.82
CA LYS C 35 26.77 -9.11 24.95
C LYS C 35 25.44 -8.38 25.08
N LEU C 36 24.36 -9.16 25.18
CA LEU C 36 23.02 -8.61 25.28
C LEU C 36 22.29 -9.14 26.50
N PRO C 37 21.51 -8.29 27.18
CA PRO C 37 21.36 -6.86 26.86
C PRO C 37 22.60 -6.04 27.25
N CYS C 38 22.87 -4.98 26.47
CA CYS C 38 23.94 -4.03 26.76
C CYS C 38 23.65 -3.33 28.08
N GLN C 39 24.65 -3.24 28.94
CA GLN C 39 24.53 -2.49 30.19
C GLN C 39 24.03 -1.07 29.92
N THR C 40 24.51 -0.49 28.83
CA THR C 40 24.01 0.80 28.39
C THR C 40 23.37 0.71 27.01
N ASN C 41 22.04 0.67 27.01
CA ASN C 41 21.24 0.45 25.80
C ASN C 41 20.93 1.74 25.04
N ILE C 42 20.21 1.59 23.93
CA ILE C 42 19.95 2.69 23.04
C ILE C 42 19.04 3.74 23.68
N ILE C 43 18.06 3.29 24.46
CA ILE C 43 17.17 4.22 25.17
C ILE C 43 17.98 5.19 26.04
N THR C 44 18.95 4.66 26.79
CA THR C 44 19.75 5.52 27.66
C THR C 44 20.75 6.39 26.88
N ILE C 45 21.35 5.86 25.81
CA ILE C 45 22.23 6.64 24.95
C ILE C 45 21.49 7.88 24.44
N LEU C 46 20.28 7.65 23.97
CA LEU C 46 19.47 8.70 23.39
C LEU C 46 19.04 9.68 24.46
N GLU C 47 18.76 9.20 25.66
CA GLU C 47 18.39 10.07 26.78
C GLU C 47 19.55 10.94 27.26
N SER C 48 20.76 10.44 27.03
CA SER C 48 21.96 11.14 27.38
C SER C 48 22.20 12.29 26.42
N TYR C 49 22.00 12.02 25.13
CA TYR C 49 22.20 13.05 24.10
C TYR C 49 21.27 14.22 24.31
N VAL C 50 20.00 13.96 24.60
CA VAL C 50 19.01 15.02 24.82
C VAL C 50 19.44 15.98 25.94
N LYS C 51 19.91 15.43 27.07
CA LYS C 51 20.42 16.24 28.18
C LYS C 51 21.59 17.10 27.72
N HIS C 52 22.57 16.42 27.11
CA HIS C 52 23.76 17.05 26.53
C HIS C 52 23.38 18.20 25.61
N PHE C 53 22.49 17.92 24.65
CA PHE C 53 21.99 18.92 23.72
C PHE C 53 21.46 20.13 24.47
N ALA C 54 20.66 19.89 25.51
CA ALA C 54 20.03 20.94 26.29
C ALA C 54 21.03 21.80 27.09
N ILE C 55 22.07 21.16 27.60
CA ILE C 55 23.19 21.84 28.26
C ILE C 55 23.97 22.68 27.24
N ASN C 56 24.25 22.08 26.09
CA ASN C 56 24.94 22.73 24.98
C ASN C 56 24.14 23.90 24.40
N ALA C 57 22.82 23.72 24.33
CA ALA C 57 21.93 24.76 23.79
C ALA C 57 22.00 26.06 24.57
N ALA C 58 22.05 25.97 25.90
CA ALA C 58 22.12 27.12 26.80
C ALA C 58 23.39 27.94 26.59
N PHE C 59 24.54 27.26 26.63
CA PHE C 59 25.82 27.90 26.39
C PHE C 59 26.50 27.35 25.14
N PRO C 82 17.15 29.64 15.44
CA PRO C 82 17.42 28.67 14.40
C PRO C 82 16.58 27.43 14.60
N ALA C 83 16.91 26.36 13.88
CA ALA C 83 16.34 25.01 14.12
C ALA C 83 17.39 24.12 14.79
N GLU C 84 18.65 24.54 14.71
CA GLU C 84 19.76 23.80 15.29
C GLU C 84 19.64 23.76 16.81
N LYS C 85 19.55 24.94 17.44
CA LYS C 85 19.46 25.04 18.90
C LYS C 85 18.02 24.82 19.42
N ASN C 86 17.22 24.07 18.65
CA ASN C 86 15.84 23.75 19.03
C ASN C 86 15.71 22.39 19.73
N VAL C 87 15.58 22.44 21.05
CA VAL C 87 15.55 21.24 21.90
C VAL C 87 14.34 20.33 21.61
N ASP C 88 13.21 20.94 21.25
CA ASP C 88 11.99 20.20 20.90
C ASP C 88 12.16 19.39 19.61
N LEU C 89 12.83 20.01 18.65
CA LEU C 89 13.10 19.40 17.35
C LEU C 89 14.08 18.24 17.52
N CYS C 90 15.03 18.43 18.42
CA CYS C 90 15.97 17.38 18.81
C CYS C 90 15.26 16.14 19.34
N LYS C 91 14.34 16.34 20.27
CA LYS C 91 13.56 15.25 20.87
C LYS C 91 12.76 14.41 19.85
N GLU C 92 12.23 15.08 18.83
CA GLU C 92 11.54 14.37 17.73
C GLU C 92 12.50 13.46 16.99
N MET C 93 13.69 13.98 16.67
CA MET C 93 14.70 13.15 16.02
C MET C 93 15.01 11.87 16.81
N VAL C 94 15.33 12.03 18.09
CA VAL C 94 15.69 10.93 18.98
C VAL C 94 14.59 9.84 19.03
N ASP C 95 13.35 10.27 19.17
CA ASP C 95 12.20 9.37 19.19
C ASP C 95 12.04 8.65 17.85
N GLY C 96 12.20 9.39 16.75
CA GLY C 96 12.22 8.79 15.43
C GLY C 96 13.28 7.69 15.32
N LEU C 97 14.48 7.99 15.77
CA LEU C 97 15.57 7.01 15.79
C LEU C 97 15.19 5.71 16.50
N ARG C 98 14.51 5.80 17.64
CA ARG C 98 14.23 4.61 18.41
C ARG C 98 13.10 3.80 17.79
N ILE C 99 12.17 4.49 17.15
CA ILE C 99 11.13 3.83 16.35
C ILE C 99 11.75 3.19 15.14
N THR C 100 12.52 3.97 14.38
CA THR C 100 13.15 3.45 13.17
C THR C 100 14.03 2.24 13.49
N PHE C 101 14.81 2.32 14.56
CA PHE C 101 15.70 1.22 14.96
C PHE C 101 14.92 -0.04 15.34
N ASP C 102 13.93 0.14 16.20
CA ASP C 102 13.07 -0.97 16.60
C ASP C 102 12.60 -1.78 15.41
N TYR C 103 12.24 -1.11 14.32
CA TYR C 103 11.69 -1.78 13.14
C TYR C 103 12.77 -2.37 12.29
N THR C 104 13.85 -1.61 12.14
CA THR C 104 14.92 -1.87 11.19
C THR C 104 15.81 -3.01 11.61
N LEU C 105 16.24 -2.99 12.87
CA LEU C 105 17.24 -3.95 13.35
C LEU C 105 17.08 -5.38 12.78
N PRO C 106 15.97 -6.08 13.09
CA PRO C 106 15.92 -7.49 12.72
C PRO C 106 15.80 -7.72 11.23
N LEU C 107 15.59 -6.66 10.46
CA LEU C 107 15.42 -6.81 9.03
C LEU C 107 16.68 -6.49 8.26
N VAL C 108 17.29 -5.37 8.58
CA VAL C 108 18.32 -4.82 7.70
C VAL C 108 19.67 -4.49 8.40
N LEU C 109 19.73 -4.64 9.72
CA LEU C 109 20.94 -4.28 10.48
C LEU C 109 21.72 -5.45 11.08
N LEU C 110 21.29 -6.68 10.87
CA LEU C 110 22.00 -7.82 11.41
C LEU C 110 23.00 -8.43 10.43
N TYR C 111 24.04 -9.05 10.97
CA TYR C 111 24.94 -9.89 10.20
C TYR C 111 24.46 -11.34 10.28
N PRO C 112 24.72 -12.16 9.23
CA PRO C 112 24.25 -13.55 9.19
C PRO C 112 24.51 -14.34 10.48
N TYR C 113 25.66 -14.10 11.10
CA TYR C 113 26.02 -14.76 12.37
C TYR C 113 25.16 -14.34 13.56
N GLU C 114 24.73 -13.08 13.55
CA GLU C 114 24.01 -12.48 14.66
C GLU C 114 22.55 -12.93 14.76
N GLN C 115 22.13 -13.80 13.85
CA GLN C 115 20.73 -14.21 13.72
C GLN C 115 20.24 -15.04 14.90
N ALA C 116 21.03 -16.05 15.28
CA ALA C 116 20.66 -16.93 16.39
C ALA C 116 20.53 -16.15 17.69
N GLN C 117 21.36 -15.12 17.86
CA GLN C 117 21.32 -14.27 19.04
C GLN C 117 19.99 -13.54 19.15
N TYR C 118 19.55 -12.93 18.04
CA TYR C 118 18.28 -12.21 17.99
C TYR C 118 17.10 -13.10 18.36
N LYS C 119 17.01 -14.26 17.71
CA LYS C 119 15.98 -15.24 18.02
C LYS C 119 15.93 -15.54 19.52
N LYS C 120 17.09 -15.86 20.10
CA LYS C 120 17.18 -16.24 21.51
C LYS C 120 16.81 -15.09 22.44
N VAL C 121 17.25 -13.89 22.08
CA VAL C 121 17.05 -12.70 22.91
C VAL C 121 15.58 -12.28 23.02
N THR C 122 14.89 -12.17 21.89
CA THR C 122 13.48 -11.76 21.86
C THR C 122 12.50 -12.82 22.38
N SER C 123 12.93 -14.08 22.37
CA SER C 123 12.12 -15.18 22.89
C SER C 123 11.96 -15.13 24.41
N SER C 124 12.97 -14.62 25.12
CA SER C 124 12.93 -14.49 26.57
C SER C 124 12.62 -13.08 27.07
N GLU C 133 5.77 -5.24 28.57
CA GLU C 133 4.72 -4.82 29.50
C GLU C 133 3.70 -5.89 29.76
N PHE C 134 3.32 -6.64 28.72
CA PHE C 134 2.35 -7.72 28.87
C PHE C 134 2.98 -9.09 28.66
N ASP C 135 4.30 -9.12 28.83
CA ASP C 135 5.15 -10.28 28.52
C ASP C 135 5.24 -10.51 27.02
N GLN C 136 5.35 -9.42 26.27
CA GLN C 136 5.54 -9.44 24.82
C GLN C 136 7.06 -9.49 24.54
N PRO C 137 7.48 -9.32 23.27
CA PRO C 137 8.93 -9.27 23.04
C PRO C 137 9.52 -7.86 23.30
N PRO C 138 10.44 -7.76 24.28
CA PRO C 138 11.10 -6.47 24.48
C PRO C 138 11.59 -5.92 23.14
N PRO C 139 11.39 -4.62 22.89
CA PRO C 139 11.77 -4.02 21.61
C PRO C 139 13.29 -3.89 21.48
N PRO C 140 13.84 -4.05 20.27
CA PRO C 140 15.28 -3.92 20.06
C PRO C 140 15.98 -2.76 20.77
N SER C 141 15.29 -1.63 20.95
CA SER C 141 15.87 -0.45 21.59
C SER C 141 16.30 -0.66 23.05
N TYR C 142 15.62 -1.55 23.75
CA TYR C 142 15.92 -1.81 25.15
C TYR C 142 16.95 -2.92 25.34
N ILE C 143 17.36 -3.53 24.23
CA ILE C 143 18.30 -4.64 24.27
C ILE C 143 19.68 -4.28 23.70
N TYR C 144 19.68 -3.58 22.58
CA TYR C 144 20.91 -3.27 21.86
C TYR C 144 21.48 -1.92 22.27
N GLY C 145 22.75 -1.71 21.92
CA GLY C 145 23.47 -0.50 22.31
C GLY C 145 24.07 0.28 21.17
N ALA C 146 25.17 0.97 21.46
CA ALA C 146 25.81 1.90 20.54
C ALA C 146 26.28 1.22 19.26
N GLN C 147 26.65 -0.05 19.39
CA GLN C 147 27.20 -0.82 18.29
C GLN C 147 26.23 -0.89 17.12
N HIS C 148 24.98 -1.26 17.42
CA HIS C 148 23.96 -1.41 16.39
C HIS C 148 23.29 -0.11 15.97
N LEU C 149 23.10 0.79 16.94
CA LEU C 149 22.56 2.13 16.67
C LEU C 149 23.34 2.83 15.55
N LEU C 150 24.66 2.66 15.58
CA LEU C 150 25.52 3.27 14.59
C LEU C 150 25.30 2.65 13.21
N ARG C 151 25.06 1.34 13.17
CA ARG C 151 24.85 0.64 11.90
C ARG C 151 23.71 1.30 11.14
N LEU C 152 22.66 1.66 11.86
CA LEU C 152 21.49 2.31 11.31
C LEU C 152 21.80 3.54 10.47
N PHE C 153 22.81 4.31 10.88
CA PHE C 153 23.20 5.52 10.14
C PHE C 153 23.76 5.23 8.75
N VAL C 154 24.14 3.98 8.53
CA VAL C 154 24.55 3.53 7.20
C VAL C 154 23.33 3.29 6.32
N LYS C 155 22.28 2.69 6.90
CA LYS C 155 21.10 2.34 6.14
C LYS C 155 20.12 3.50 6.02
N LEU C 156 20.20 4.45 6.95
CA LEU C 156 19.25 5.56 7.04
C LEU C 156 18.97 6.30 5.72
N PRO C 157 20.03 6.70 4.99
CA PRO C 157 19.78 7.45 3.74
C PRO C 157 18.79 6.77 2.79
N GLU C 158 18.99 5.49 2.50
CA GLU C 158 18.05 4.81 1.60
C GLU C 158 16.63 4.71 2.19
N ILE C 159 16.52 4.48 3.50
CA ILE C 159 15.21 4.46 4.16
C ILE C 159 14.54 5.84 4.04
N LEU C 160 15.30 6.90 4.32
CA LEU C 160 14.80 8.27 4.26
C LEU C 160 14.43 8.69 2.85
N GLY C 161 15.03 8.05 1.87
CA GLY C 161 14.68 8.30 0.47
C GLY C 161 13.28 7.82 0.17
N LYS C 162 12.89 6.69 0.78
CA LYS C 162 11.62 6.03 0.51
C LYS C 162 10.39 6.73 1.12
N MET C 163 10.60 7.51 2.16
CA MET C 163 9.54 8.36 2.73
C MET C 163 9.80 9.74 2.18
N SER C 164 8.85 10.33 1.47
CA SER C 164 9.16 11.61 0.82
C SER C 164 9.12 12.83 1.75
N PHE C 165 10.30 13.27 2.19
CA PHE C 165 10.44 14.40 3.09
C PHE C 165 10.36 15.69 2.31
N SER C 166 9.79 16.72 2.92
CA SER C 166 9.84 18.06 2.33
C SER C 166 11.26 18.62 2.45
N GLU C 167 11.62 19.54 1.56
CA GLU C 167 12.96 20.12 1.52
C GLU C 167 13.37 20.71 2.88
N LYS C 168 12.53 21.59 3.40
CA LYS C 168 12.82 22.33 4.63
C LYS C 168 13.02 21.41 5.84
N ASN C 169 12.18 20.39 5.93
CA ASN C 169 12.21 19.45 7.04
C ASN C 169 13.37 18.46 6.97
N LEU C 170 13.75 18.05 5.75
CA LEU C 170 14.84 17.07 5.59
C LEU C 170 16.19 17.64 5.99
N LYS C 171 16.52 18.84 5.50
CA LYS C 171 17.78 19.51 5.83
C LYS C 171 17.96 19.68 7.33
N ALA C 172 16.90 20.12 8.01
CA ALA C 172 16.91 20.30 9.46
C ALA C 172 17.16 19.00 10.19
N LEU C 173 16.58 17.92 9.64
CA LEU C 173 16.72 16.60 10.19
C LEU C 173 18.14 16.07 9.98
N LEU C 174 18.65 16.19 8.76
CA LEU C 174 19.99 15.70 8.45
C LEU C 174 21.05 16.35 9.32
N LYS C 175 20.89 17.66 9.54
CA LYS C 175 21.74 18.43 10.46
C LYS C 175 21.72 17.87 11.88
N HIS C 176 20.54 17.44 12.32
CA HIS C 176 20.37 16.85 13.65
C HIS C 176 21.02 15.49 13.79
N PHE C 177 21.19 14.80 12.67
CA PHE C 177 21.96 13.56 12.65
C PHE C 177 23.45 13.85 12.74
N ASP C 178 23.91 14.86 12.00
CA ASP C 178 25.30 15.31 12.08
C ASP C 178 25.69 15.63 13.50
N LEU C 179 24.88 16.44 14.17
CA LEU C 179 25.14 16.81 15.55
C LEU C 179 25.23 15.58 16.44
N PHE C 180 24.28 14.66 16.27
CA PHE C 180 24.25 13.41 17.01
C PHE C 180 25.47 12.56 16.71
N LEU C 181 25.88 12.52 15.44
CA LEU C 181 27.05 11.74 15.06
C LEU C 181 28.35 12.34 15.60
N ARG C 182 28.46 13.66 15.60
CA ARG C 182 29.57 14.35 16.24
C ARG C 182 29.61 14.03 17.72
N PHE C 183 28.44 14.09 18.36
CA PHE C 183 28.29 13.72 19.77
C PHE C 183 28.77 12.29 19.98
N LEU C 184 28.38 11.40 19.08
CA LEU C 184 28.77 10.00 19.15
C LEU C 184 30.28 9.84 18.96
N ALA C 185 30.87 10.65 18.09
CA ALA C 185 32.31 10.61 17.83
C ALA C 185 33.09 11.22 18.99
N GLU C 186 32.58 12.32 19.53
CA GLU C 186 33.24 13.04 20.61
C GLU C 186 33.43 12.18 21.87
N TYR C 187 32.49 11.28 22.14
CA TYR C 187 32.54 10.42 23.31
C TYR C 187 32.63 8.95 22.92
N HIS C 188 33.28 8.71 21.78
CA HIS C 188 33.44 7.36 21.21
C HIS C 188 34.07 6.35 22.18
N ASP C 189 35.04 6.79 22.98
CA ASP C 189 35.71 5.92 23.95
C ASP C 189 34.76 5.39 25.02
N ASP C 190 33.81 6.22 25.44
CA ASP C 190 32.85 5.84 26.47
C ASP C 190 31.75 4.94 25.92
N PHE C 191 31.21 5.31 24.76
CA PHE C 191 30.12 4.55 24.13
C PHE C 191 30.54 3.22 23.52
N PHE C 192 31.81 3.11 23.11
CA PHE C 192 32.30 1.91 22.45
C PHE C 192 33.46 1.23 23.18
N PRO C 193 33.18 0.60 24.34
CA PRO C 193 34.24 -0.22 24.91
C PRO C 193 34.39 -1.52 24.14
N GLU C 194 35.62 -2.00 24.02
CA GLU C 194 35.93 -3.24 23.35
C GLU C 194 35.31 -4.41 24.10
N SER C 195 35.23 -4.27 25.42
CA SER C 195 34.68 -5.31 26.30
C SER C 195 33.19 -5.57 26.06
N ALA C 196 32.60 -4.78 25.16
CA ALA C 196 31.22 -4.99 24.76
C ALA C 196 31.04 -6.32 24.00
N TYR C 197 32.16 -6.95 23.63
CA TYR C 197 32.16 -8.15 22.79
C TYR C 197 32.73 -9.40 23.54
N VAL C 198 32.11 -10.58 23.29
CA VAL C 198 32.46 -11.83 23.89
C VAL C 198 32.55 -12.90 22.80
N ALA C 199 32.98 -14.07 23.15
CA ALA C 199 33.08 -15.21 22.13
C ALA C 199 32.97 -16.58 22.80
N ALA C 200 31.76 -16.87 23.29
CA ALA C 200 31.44 -18.12 23.99
C ALA C 200 32.15 -18.23 25.33
N THR D 7 -12.78 19.86 -0.14
CA THR D 7 -13.36 18.78 -1.00
C THR D 7 -13.59 19.27 -2.44
N ILE D 8 -13.45 18.33 -3.38
CA ILE D 8 -13.59 18.57 -4.82
C ILE D 8 -15.06 18.53 -5.25
N THR D 9 -15.47 19.50 -6.06
CA THR D 9 -16.82 19.49 -6.61
C THR D 9 -16.76 19.45 -8.14
N ILE D 10 -17.54 18.54 -8.75
CA ILE D 10 -17.74 18.56 -10.21
C ILE D 10 -19.22 18.77 -10.49
N GLU D 11 -19.58 20.00 -10.85
CA GLU D 11 -20.96 20.37 -11.15
C GLU D 11 -21.52 19.65 -12.37
N ILE D 12 -22.72 19.10 -12.22
CA ILE D 12 -23.38 18.40 -13.30
C ILE D 12 -24.44 19.32 -13.90
N PRO D 13 -24.39 19.53 -15.23
CA PRO D 13 -25.45 20.27 -15.94
C PRO D 13 -26.81 19.69 -15.58
N GLU D 14 -27.75 20.56 -15.22
CA GLU D 14 -29.05 20.13 -14.72
C GLU D 14 -29.86 19.26 -15.69
N VAL D 15 -29.61 19.42 -16.98
CA VAL D 15 -30.15 18.50 -18.00
C VAL D 15 -29.73 17.05 -17.72
N LEU D 16 -28.48 16.89 -17.31
CA LEU D 16 -27.89 15.56 -17.00
C LEU D 16 -28.21 15.11 -15.57
N LYS D 17 -28.39 16.08 -14.67
CA LYS D 17 -28.85 15.79 -13.32
C LYS D 17 -30.21 15.09 -13.38
N LYS D 18 -31.12 15.66 -14.17
CA LYS D 18 -32.43 15.05 -14.43
C LYS D 18 -32.24 13.66 -15.01
N GLN D 19 -31.44 13.58 -16.07
CA GLN D 19 -31.17 12.32 -16.74
C GLN D 19 -30.78 11.24 -15.75
N LEU D 20 -29.94 11.62 -14.77
CA LEU D 20 -29.50 10.68 -13.73
C LEU D 20 -30.65 10.23 -12.82
N GLU D 21 -31.58 11.14 -12.55
CA GLU D 21 -32.76 10.84 -11.76
C GLU D 21 -33.68 9.90 -12.53
N ASP D 22 -33.86 10.16 -13.83
CA ASP D 22 -34.61 9.25 -14.71
C ASP D 22 -33.98 7.86 -14.65
N ASP D 23 -32.68 7.81 -14.92
CA ASP D 23 -31.90 6.57 -14.93
C ASP D 23 -32.20 5.72 -13.70
N CYS D 24 -32.14 6.35 -12.52
CA CYS D 24 -32.43 5.69 -11.26
C CYS D 24 -33.83 5.08 -11.24
N TYR D 25 -34.83 5.91 -11.52
CA TYR D 25 -36.25 5.52 -11.54
C TYR D 25 -36.50 4.30 -12.43
N TYR D 26 -35.85 4.26 -13.59
CA TYR D 26 -36.00 3.15 -14.54
C TYR D 26 -35.59 1.79 -13.97
N ILE D 27 -34.49 1.78 -13.22
CA ILE D 27 -33.81 0.53 -12.87
C ILE D 27 -34.33 -0.13 -11.60
N ASN D 28 -34.48 0.66 -10.54
CA ASN D 28 -34.90 0.11 -9.25
C ASN D 28 -36.35 0.42 -8.87
N ARG D 29 -37.13 0.94 -9.82
CA ARG D 29 -38.57 1.15 -9.64
C ARG D 29 -39.40 0.56 -10.77
N ARG D 30 -39.15 1.02 -11.99
CA ARG D 30 -39.78 0.46 -13.19
C ARG D 30 -39.14 -0.87 -13.61
N LYS D 31 -38.17 -1.31 -12.81
CA LYS D 31 -37.43 -2.54 -13.04
C LYS D 31 -37.01 -2.74 -14.50
N ARG D 32 -36.10 -1.87 -14.93
CA ARG D 32 -35.56 -1.90 -16.29
C ARG D 32 -34.03 -1.96 -16.26
N LEU D 33 -33.46 -2.41 -17.37
CA LEU D 33 -32.02 -2.54 -17.49
C LEU D 33 -31.57 -2.06 -18.86
N VAL D 34 -30.41 -1.39 -18.90
CA VAL D 34 -29.82 -0.98 -20.16
C VAL D 34 -29.48 -2.25 -20.92
N LYS D 35 -29.89 -2.30 -22.19
CA LYS D 35 -29.54 -3.42 -23.07
C LYS D 35 -28.03 -3.41 -23.32
N LEU D 36 -27.41 -4.55 -23.11
CA LEU D 36 -25.96 -4.67 -23.27
C LEU D 36 -25.62 -5.79 -24.25
N PRO D 37 -24.58 -5.58 -25.09
CA PRO D 37 -23.83 -4.33 -25.16
C PRO D 37 -24.61 -3.20 -25.86
N CYS D 38 -24.34 -1.96 -25.44
CA CYS D 38 -24.94 -0.78 -26.05
C CYS D 38 -24.46 -0.66 -27.48
N GLN D 39 -25.38 -0.40 -28.40
CA GLN D 39 -25.03 -0.17 -29.80
C GLN D 39 -23.97 0.92 -29.92
N THR D 40 -24.08 1.94 -29.06
CA THR D 40 -23.04 2.96 -28.96
C THR D 40 -22.41 2.98 -27.57
N ASN D 41 -21.23 2.37 -27.48
CA ASN D 41 -20.52 2.20 -26.21
C ASN D 41 -19.64 3.38 -25.84
N ILE D 42 -19.00 3.27 -24.69
CA ILE D 42 -18.22 4.35 -24.12
C ILE D 42 -16.99 4.69 -24.95
N ILE D 43 -16.35 3.67 -25.52
CA ILE D 43 -15.21 3.88 -26.39
C ILE D 43 -15.58 4.81 -27.55
N THR D 44 -16.72 4.55 -28.19
CA THR D 44 -17.13 5.39 -29.31
C THR D 44 -17.60 6.78 -28.88
N ILE D 45 -18.31 6.88 -27.76
CA ILE D 45 -18.71 8.18 -27.21
C ILE D 45 -17.49 9.07 -27.00
N LEU D 46 -16.45 8.48 -26.41
CA LEU D 46 -15.23 9.21 -26.11
C LEU D 46 -14.50 9.61 -27.38
N GLU D 47 -14.50 8.73 -28.37
CA GLU D 47 -13.87 9.03 -29.66
C GLU D 47 -14.58 10.14 -30.42
N SER D 48 -15.88 10.24 -30.17
CA SER D 48 -16.71 11.25 -30.79
C SER D 48 -16.38 12.61 -30.21
N TYR D 49 -16.21 12.66 -28.89
CA TYR D 49 -15.89 13.91 -28.21
C TYR D 49 -14.56 14.48 -28.67
N VAL D 50 -13.54 13.63 -28.76
CA VAL D 50 -12.23 14.05 -29.22
C VAL D 50 -12.28 14.73 -30.60
N LYS D 51 -13.01 14.14 -31.55
CA LYS D 51 -13.19 14.75 -32.87
C LYS D 51 -13.84 16.12 -32.77
N HIS D 52 -14.95 16.17 -32.05
CA HIS D 52 -15.72 17.40 -31.89
C HIS D 52 -15.23 18.26 -30.73
N PHE D 53 -13.98 18.02 -30.35
CA PHE D 53 -13.20 18.94 -29.54
C PHE D 53 -12.24 19.61 -30.51
N ALA D 54 -11.69 18.80 -31.41
CA ALA D 54 -10.70 19.23 -32.38
C ALA D 54 -11.27 20.13 -33.49
N ILE D 55 -12.52 19.86 -33.90
CA ILE D 55 -13.26 20.73 -34.85
C ILE D 55 -13.52 22.08 -34.19
N ASN D 56 -13.92 22.02 -32.91
CA ASN D 56 -14.20 23.19 -32.09
C ASN D 56 -12.95 24.06 -31.94
N ALA D 57 -11.81 23.42 -31.70
CA ALA D 57 -10.53 24.11 -31.54
C ALA D 57 -10.18 25.01 -32.74
N ALA D 58 -10.48 24.53 -33.95
CA ALA D 58 -10.13 25.23 -35.20
C ALA D 58 -10.78 26.61 -35.35
N PHE D 59 -11.99 26.75 -34.82
CA PHE D 59 -12.69 28.03 -34.81
C PHE D 59 -13.33 28.32 -33.46
N PRO D 82 -3.34 26.94 -25.08
CA PRO D 82 -2.65 27.41 -23.87
C PRO D 82 -3.19 26.75 -22.60
N ALA D 83 -4.49 26.49 -22.56
CA ALA D 83 -5.15 25.94 -21.39
C ALA D 83 -6.01 24.72 -21.74
N GLU D 84 -7.25 24.98 -22.13
CA GLU D 84 -8.22 23.94 -22.43
C GLU D 84 -8.67 23.98 -23.90
N LYS D 85 -7.78 24.50 -24.75
CA LYS D 85 -7.90 24.33 -26.19
C LYS D 85 -6.74 23.43 -26.65
N ASN D 86 -6.18 22.69 -25.68
CA ASN D 86 -5.11 21.75 -25.91
C ASN D 86 -5.67 20.36 -26.21
N VAL D 87 -5.71 20.02 -27.49
CA VAL D 87 -6.26 18.73 -27.96
C VAL D 87 -5.54 17.51 -27.35
N ASP D 88 -4.24 17.65 -27.10
CA ASP D 88 -3.44 16.59 -26.47
C ASP D 88 -3.86 16.35 -25.03
N LEU D 89 -4.11 17.44 -24.32
CA LEU D 89 -4.55 17.39 -22.93
C LEU D 89 -5.94 16.77 -22.82
N CYS D 90 -6.78 17.07 -23.81
CA CYS D 90 -8.10 16.47 -23.94
C CYS D 90 -8.02 14.95 -24.06
N LYS D 91 -7.16 14.47 -24.96
CA LYS D 91 -6.95 13.03 -25.16
C LYS D 91 -6.54 12.27 -23.89
N GLU D 92 -5.70 12.89 -23.06
CA GLU D 92 -5.33 12.31 -21.77
C GLU D 92 -6.53 12.14 -20.87
N MET D 93 -7.37 13.17 -20.81
CA MET D 93 -8.59 13.08 -20.02
C MET D 93 -9.46 11.89 -20.43
N VAL D 94 -9.75 11.79 -21.71
CA VAL D 94 -10.60 10.75 -22.27
C VAL D 94 -10.09 9.35 -21.94
N ASP D 95 -8.78 9.16 -22.08
CA ASP D 95 -8.13 7.88 -21.79
C ASP D 95 -8.21 7.57 -20.30
N GLY D 96 -7.96 8.58 -19.46
CA GLY D 96 -8.16 8.45 -18.02
C GLY D 96 -9.58 7.97 -17.68
N LEU D 97 -10.58 8.63 -18.26
CA LEU D 97 -11.97 8.24 -18.10
C LEU D 97 -12.21 6.76 -18.38
N ARG D 98 -11.66 6.25 -19.48
CA ARG D 98 -11.97 4.87 -19.84
C ARG D 98 -11.25 3.85 -18.95
N ILE D 99 -10.09 4.25 -18.43
CA ILE D 99 -9.37 3.45 -17.45
C ILE D 99 -10.13 3.52 -16.14
N THR D 100 -10.44 4.73 -15.69
CA THR D 100 -11.13 4.89 -14.42
C THR D 100 -12.45 4.13 -14.44
N PHE D 101 -13.20 4.23 -15.54
CA PHE D 101 -14.50 3.57 -15.68
C PHE D 101 -14.36 2.04 -15.61
N ASP D 102 -13.46 1.52 -16.44
CA ASP D 102 -13.18 0.08 -16.45
C ASP D 102 -13.02 -0.49 -15.06
N TYR D 103 -12.34 0.24 -14.19
CA TYR D 103 -12.05 -0.23 -12.83
C TYR D 103 -13.22 -0.03 -11.91
N THR D 104 -13.85 1.14 -12.04
CA THR D 104 -14.87 1.64 -11.13
C THR D 104 -16.19 0.91 -11.28
N LEU D 105 -16.65 0.77 -12.52
CA LEU D 105 -17.99 0.22 -12.78
C LEU D 105 -18.43 -0.91 -11.84
N PRO D 106 -17.74 -2.07 -11.86
CA PRO D 106 -18.27 -3.19 -11.10
C PRO D 106 -18.18 -3.02 -9.59
N LEU D 107 -17.49 -1.98 -9.14
CA LEU D 107 -17.29 -1.77 -7.72
C LEU D 107 -18.25 -0.75 -7.15
N VAL D 108 -18.36 0.39 -7.82
CA VAL D 108 -19.00 1.52 -7.19
C VAL D 108 -20.11 2.20 -8.04
N LEU D 109 -20.32 1.72 -9.27
CA LEU D 109 -21.30 2.32 -10.18
C LEU D 109 -22.54 1.49 -10.49
N LEU D 110 -22.67 0.31 -9.91
CA LEU D 110 -23.83 -0.51 -10.15
C LEU D 110 -24.92 -0.33 -9.11
N TYR D 111 -26.16 -0.58 -9.52
CA TYR D 111 -27.29 -0.70 -8.60
C TYR D 111 -27.47 -2.18 -8.23
N PRO D 112 -27.98 -2.46 -7.02
CA PRO D 112 -28.16 -3.85 -6.56
C PRO D 112 -28.81 -4.78 -7.59
N TYR D 113 -29.79 -4.26 -8.34
CA TYR D 113 -30.48 -5.03 -9.37
C TYR D 113 -29.60 -5.36 -10.58
N GLU D 114 -28.67 -4.47 -10.88
CA GLU D 114 -27.83 -4.59 -12.07
C GLU D 114 -26.72 -5.63 -11.94
N GLN D 115 -26.66 -6.29 -10.79
CA GLN D 115 -25.55 -7.20 -10.47
C GLN D 115 -25.54 -8.46 -11.33
N ALA D 116 -26.70 -9.10 -11.46
CA ALA D 116 -26.82 -10.32 -12.27
C ALA D 116 -26.45 -10.07 -13.73
N GLN D 117 -26.78 -8.88 -14.23
CA GLN D 117 -26.45 -8.48 -15.60
C GLN D 117 -24.94 -8.46 -15.81
N TYR D 118 -24.21 -7.81 -14.89
CA TYR D 118 -22.75 -7.73 -14.96
C TYR D 118 -22.09 -9.11 -14.98
N LYS D 119 -22.47 -9.96 -14.03
CA LYS D 119 -21.99 -11.33 -13.98
C LYS D 119 -22.17 -12.04 -15.33
N LYS D 120 -23.39 -11.98 -15.86
CA LYS D 120 -23.72 -12.66 -17.12
C LYS D 120 -22.96 -12.10 -18.32
N VAL D 121 -22.80 -10.78 -18.35
CA VAL D 121 -22.18 -10.08 -19.46
C VAL D 121 -20.68 -10.38 -19.59
N THR D 122 -19.93 -10.26 -18.49
CA THR D 122 -18.49 -10.49 -18.49
C THR D 122 -18.08 -11.98 -18.61
N SER D 123 -19.01 -12.87 -18.27
CA SER D 123 -18.77 -14.30 -18.40
C SER D 123 -18.70 -14.75 -19.87
N SER D 124 -19.46 -14.09 -20.75
CA SER D 124 -19.46 -14.40 -22.18
C SER D 124 -18.60 -13.45 -23.02
N GLU D 133 -9.16 -10.09 -26.25
CA GLU D 133 -8.09 -10.43 -27.18
C GLU D 133 -7.65 -11.87 -27.07
N PHE D 134 -7.56 -12.38 -25.83
CA PHE D 134 -7.16 -13.77 -25.60
C PHE D 134 -8.31 -14.59 -25.05
N ASP D 135 -9.53 -14.10 -25.30
CA ASP D 135 -10.76 -14.66 -24.73
C ASP D 135 -10.85 -14.40 -23.23
N GLN D 136 -10.42 -13.20 -22.83
CA GLN D 136 -10.53 -12.73 -21.45
C GLN D 136 -11.90 -12.03 -21.26
N PRO D 137 -12.10 -11.33 -20.13
CA PRO D 137 -13.38 -10.62 -20.02
C PRO D 137 -13.34 -9.24 -20.70
N PRO D 138 -14.18 -9.03 -21.74
CA PRO D 138 -14.24 -7.69 -22.34
C PRO D 138 -14.37 -6.64 -21.22
N PRO D 139 -13.63 -5.53 -21.34
CA PRO D 139 -13.62 -4.48 -20.31
C PRO D 139 -14.90 -3.67 -20.33
N PRO D 140 -15.39 -3.22 -19.16
CA PRO D 140 -16.64 -2.48 -19.09
C PRO D 140 -16.84 -1.39 -20.14
N SER D 141 -15.75 -0.75 -20.58
CA SER D 141 -15.80 0.33 -21.57
C SER D 141 -16.37 -0.07 -22.93
N TYR D 142 -16.17 -1.33 -23.32
CA TYR D 142 -16.66 -1.82 -24.60
C TYR D 142 -18.06 -2.38 -24.54
N ILE D 143 -18.63 -2.42 -23.34
CA ILE D 143 -19.96 -3.00 -23.13
C ILE D 143 -21.00 -1.94 -22.77
N TYR D 144 -20.62 -1.02 -21.88
CA TYR D 144 -21.56 -0.03 -21.36
C TYR D 144 -21.54 1.27 -22.16
N GLY D 145 -22.56 2.08 -21.97
CA GLY D 145 -22.71 3.32 -22.72
C GLY D 145 -22.84 4.57 -21.89
N ALA D 146 -23.57 5.55 -22.45
CA ALA D 146 -23.69 6.89 -21.88
C ALA D 146 -24.33 6.86 -20.50
N GLN D 147 -25.20 5.88 -20.28
CA GLN D 147 -25.96 5.77 -19.04
C GLN D 147 -25.03 5.62 -17.85
N HIS D 148 -24.08 4.70 -17.95
CA HIS D 148 -23.16 4.42 -16.85
C HIS D 148 -21.99 5.37 -16.77
N LEU D 149 -21.48 5.79 -17.94
CA LEU D 149 -20.42 6.79 -18.04
C LEU D 149 -20.74 8.04 -17.21
N LEU D 150 -22.01 8.45 -17.26
CA LEU D 150 -22.47 9.63 -16.55
C LEU D 150 -22.44 9.40 -15.06
N ARG D 151 -22.79 8.18 -14.63
CA ARG D 151 -22.81 7.83 -13.21
C ARG D 151 -21.46 8.13 -12.57
N LEU D 152 -20.40 7.76 -13.29
CA LEU D 152 -19.02 8.00 -12.87
C LEU D 152 -18.75 9.44 -12.43
N PHE D 153 -19.35 10.41 -13.12
CA PHE D 153 -19.13 11.81 -12.77
C PHE D 153 -19.67 12.21 -11.41
N VAL D 154 -20.53 11.35 -10.86
CA VAL D 154 -21.02 11.51 -9.49
C VAL D 154 -19.95 11.03 -8.49
N LYS D 155 -19.32 9.91 -8.81
CA LYS D 155 -18.33 9.31 -7.91
C LYS D 155 -16.95 9.94 -8.05
N LEU D 156 -16.66 10.53 -9.21
CA LEU D 156 -15.34 11.03 -9.55
C LEU D 156 -14.69 11.94 -8.48
N PRO D 157 -15.44 12.94 -7.98
CA PRO D 157 -14.80 13.83 -7.00
C PRO D 157 -14.18 13.07 -5.82
N GLU D 158 -14.96 12.14 -5.27
CA GLU D 158 -14.52 11.25 -4.20
C GLU D 158 -13.20 10.54 -4.56
N ILE D 159 -13.17 9.92 -5.74
CA ILE D 159 -12.00 9.19 -6.22
C ILE D 159 -10.81 10.12 -6.45
N LEU D 160 -11.05 11.27 -7.07
CA LEU D 160 -10.00 12.24 -7.38
C LEU D 160 -9.39 12.86 -6.13
N GLY D 161 -10.14 12.84 -5.03
CA GLY D 161 -9.64 13.30 -3.74
C GLY D 161 -8.57 12.38 -3.21
N LYS D 162 -8.74 11.08 -3.49
CA LYS D 162 -7.85 10.03 -2.96
C LYS D 162 -6.49 9.93 -3.65
N MET D 163 -6.40 10.38 -4.90
CA MET D 163 -5.11 10.50 -5.59
C MET D 163 -4.73 11.96 -5.47
N SER D 164 -3.58 12.27 -4.89
CA SER D 164 -3.28 13.69 -4.64
C SER D 164 -2.77 14.46 -5.87
N PHE D 165 -3.67 15.22 -6.49
CA PHE D 165 -3.37 15.99 -7.70
C PHE D 165 -2.70 17.28 -7.30
N SER D 166 -1.78 17.76 -8.14
CA SER D 166 -1.23 19.10 -7.96
C SER D 166 -2.28 20.14 -8.33
N GLU D 167 -2.16 21.34 -7.75
CA GLU D 167 -3.12 22.43 -7.98
C GLU D 167 -3.32 22.74 -9.46
N LYS D 168 -2.21 22.99 -10.16
CA LYS D 168 -2.24 23.38 -11.55
C LYS D 168 -2.88 22.34 -12.45
N ASN D 169 -2.56 21.08 -12.21
CA ASN D 169 -3.07 19.96 -13.00
C ASN D 169 -4.52 19.61 -12.73
N LEU D 170 -4.97 19.76 -11.48
CA LEU D 170 -6.36 19.45 -11.12
C LEU D 170 -7.37 20.40 -11.75
N LYS D 171 -7.11 21.71 -11.64
CA LYS D 171 -7.99 22.73 -12.23
C LYS D 171 -8.19 22.52 -13.73
N ALA D 172 -7.08 22.26 -14.43
CA ALA D 172 -7.09 22.01 -15.87
C ALA D 172 -7.93 20.79 -16.23
N LEU D 173 -7.84 19.78 -15.36
CA LEU D 173 -8.56 18.54 -15.53
C LEU D 173 -10.05 18.75 -15.27
N LEU D 174 -10.38 19.43 -14.18
CA LEU D 174 -11.77 19.65 -13.81
C LEU D 174 -12.51 20.44 -14.90
N LYS D 175 -11.83 21.43 -15.47
CA LYS D 175 -12.33 22.20 -16.62
C LYS D 175 -12.63 21.30 -17.83
N HIS D 176 -11.76 20.31 -18.06
CA HIS D 176 -11.95 19.34 -19.14
C HIS D 176 -13.12 18.40 -18.93
N PHE D 177 -13.50 18.20 -17.67
CA PHE D 177 -14.72 17.48 -17.36
C PHE D 177 -15.94 18.34 -17.63
N ASP D 178 -15.88 19.62 -17.25
CA ASP D 178 -16.96 20.56 -17.52
C ASP D 178 -17.26 20.60 -18.99
N LEU D 179 -16.21 20.78 -19.81
CA LEU D 179 -16.38 20.81 -21.25
C LEU D 179 -17.05 19.54 -21.77
N PHE D 180 -16.57 18.39 -21.28
CA PHE D 180 -17.15 17.11 -21.65
C PHE D 180 -18.59 16.99 -21.20
N LEU D 181 -18.90 17.49 -20.00
CA LEU D 181 -20.24 17.41 -19.50
C LEU D 181 -21.20 18.32 -20.27
N ARG D 182 -20.74 19.51 -20.64
CA ARG D 182 -21.51 20.38 -21.52
C ARG D 182 -21.77 19.70 -22.84
N PHE D 183 -20.72 19.08 -23.40
CA PHE D 183 -20.83 18.31 -24.63
C PHE D 183 -21.89 17.23 -24.47
N LEU D 184 -21.87 16.57 -23.32
CA LEU D 184 -22.81 15.50 -23.02
C LEU D 184 -24.23 16.05 -22.89
N ALA D 185 -24.36 17.25 -22.34
CA ALA D 185 -25.66 17.90 -22.17
C ALA D 185 -26.18 18.43 -23.51
N GLU D 186 -25.28 19.01 -24.29
CA GLU D 186 -25.63 19.61 -25.58
C GLU D 186 -26.24 18.59 -26.55
N TYR D 187 -25.80 17.34 -26.48
CA TYR D 187 -26.29 16.29 -27.37
C TYR D 187 -26.97 15.19 -26.59
N HIS D 188 -27.62 15.58 -25.49
CA HIS D 188 -28.30 14.66 -24.57
C HIS D 188 -29.34 13.77 -25.25
N ASP D 189 -30.08 14.34 -26.21
CA ASP D 189 -31.11 13.59 -26.94
C ASP D 189 -30.56 12.44 -27.76
N ASP D 190 -29.38 12.62 -28.34
CA ASP D 190 -28.74 11.58 -29.14
C ASP D 190 -28.08 10.50 -28.28
N PHE D 191 -27.37 10.92 -27.23
CA PHE D 191 -26.67 9.99 -26.36
C PHE D 191 -27.59 9.19 -25.43
N PHE D 192 -28.75 9.75 -25.09
CA PHE D 192 -29.66 9.11 -24.14
C PHE D 192 -31.04 8.83 -24.73
N PRO D 193 -31.13 7.84 -25.64
CA PRO D 193 -32.48 7.43 -26.02
C PRO D 193 -33.12 6.59 -24.93
N GLU D 194 -34.42 6.75 -24.77
CA GLU D 194 -35.19 6.00 -23.79
C GLU D 194 -35.18 4.51 -24.14
N SER D 195 -35.13 4.22 -25.44
CA SER D 195 -35.14 2.84 -25.95
C SER D 195 -33.89 2.07 -25.55
N ALA D 196 -32.97 2.74 -24.86
CA ALA D 196 -31.79 2.09 -24.32
C ALA D 196 -32.13 1.09 -23.19
N TYR D 197 -33.32 1.22 -22.62
CA TYR D 197 -33.77 0.42 -21.47
C TYR D 197 -34.79 -0.65 -21.92
N VAL D 198 -34.87 -1.77 -21.18
CA VAL D 198 -35.68 -2.94 -21.59
C VAL D 198 -36.47 -3.58 -20.42
N ALA D 199 -37.44 -4.45 -20.76
CA ALA D 199 -38.10 -5.27 -19.76
C ALA D 199 -37.55 -6.71 -19.80
N ALA D 200 -37.76 -7.38 -20.93
CA ALA D 200 -37.37 -8.78 -21.16
C ALA D 200 -38.08 -9.75 -20.22
N PRO E 10 2.94 30.02 -16.09
CA PRO E 10 2.69 28.82 -15.29
C PRO E 10 1.67 27.87 -15.96
N GLU E 11 1.93 27.52 -17.22
CA GLU E 11 1.02 26.72 -18.08
C GLU E 11 0.85 25.24 -17.65
N VAL E 12 0.26 24.44 -18.55
CA VAL E 12 0.18 22.96 -18.44
C VAL E 12 -0.25 22.32 -19.77
N THR E 13 0.49 21.28 -20.19
CA THR E 13 0.24 20.61 -21.47
C THR E 13 0.05 19.08 -21.34
N SER E 14 0.48 18.51 -20.21
CA SER E 14 0.35 17.08 -19.97
C SER E 14 0.25 16.81 -18.48
N PHE E 15 -0.69 15.94 -18.10
CA PHE E 15 -0.84 15.54 -16.71
C PHE E 15 0.25 14.56 -16.29
N PHE E 16 0.81 13.87 -17.27
CA PHE E 16 1.84 12.84 -17.07
C PHE E 16 3.25 13.45 -16.97
N PRO E 17 4.10 12.89 -16.07
CA PRO E 17 5.47 13.37 -15.91
C PRO E 17 6.36 13.06 -17.13
N GLU E 23 9.00 7.68 -13.05
CA GLU E 23 9.39 6.82 -11.93
C GLU E 23 8.87 7.26 -10.54
N SER E 24 8.67 8.56 -10.34
CA SER E 24 8.10 9.06 -9.08
C SER E 24 6.62 8.68 -8.98
N LEU E 25 6.14 8.05 -10.05
CA LEU E 25 4.78 7.47 -10.12
C LEU E 25 4.69 6.07 -9.46
N LEU E 26 5.84 5.45 -9.16
CA LEU E 26 5.89 4.17 -8.45
C LEU E 26 5.55 4.32 -6.97
N ILE E 27 5.03 3.24 -6.38
CA ILE E 27 4.38 3.28 -5.06
C ILE E 27 5.03 2.45 -3.97
N THR E 28 5.36 3.11 -2.87
CA THR E 28 6.05 2.49 -1.75
C THR E 28 5.05 1.94 -0.74
N PRO E 29 5.06 0.62 -0.52
CA PRO E 29 4.28 0.08 0.60
C PRO E 29 4.84 0.60 1.92
N PHE E 30 3.97 1.13 2.78
CA PHE E 30 4.38 1.63 4.10
C PHE E 30 3.95 0.67 5.20
N LEU E 31 4.51 0.88 6.38
CA LEU E 31 4.34 -0.02 7.51
C LEU E 31 3.07 0.37 8.29
N PRO E 32 2.11 -0.55 8.39
CA PRO E 32 0.88 -0.24 9.11
C PRO E 32 1.06 -0.30 10.64
N VAL E 33 0.24 0.46 11.37
CA VAL E 33 0.10 0.26 12.81
C VAL E 33 -0.97 -0.80 12.90
N VAL E 34 -0.65 -1.89 13.59
CA VAL E 34 -1.48 -3.10 13.55
C VAL E 34 -2.09 -3.47 14.92
N ALA E 35 -3.39 -3.70 14.93
CA ALA E 35 -4.10 -4.21 16.10
C ALA E 35 -4.86 -5.49 15.74
N PHE E 36 -4.78 -6.50 16.61
CA PHE E 36 -5.41 -7.83 16.37
C PHE E 36 -5.08 -8.40 14.99
N GLY E 37 -3.88 -8.14 14.48
CA GLY E 37 -3.47 -8.66 13.18
C GLY E 37 -4.01 -7.94 11.95
N ARG E 38 -4.63 -6.78 12.13
CA ARG E 38 -5.05 -5.98 10.99
C ARG E 38 -4.62 -4.53 11.12
N PRO E 39 -4.45 -3.84 9.99
CA PRO E 39 -4.14 -2.41 10.05
C PRO E 39 -5.23 -1.59 10.73
N LEU E 40 -4.83 -0.57 11.47
CA LEU E 40 -5.82 0.32 12.06
C LEU E 40 -6.35 1.24 10.98
N PRO E 41 -7.69 1.40 10.90
CA PRO E 41 -8.33 2.15 9.83
C PRO E 41 -8.51 3.65 10.10
N LYS E 42 -8.97 4.34 9.07
CA LYS E 42 -9.33 5.74 9.14
C LYS E 42 -10.58 5.95 9.99
N LEU E 43 -10.49 6.91 10.91
CA LEU E 43 -11.68 7.41 11.63
C LEU E 43 -11.68 8.94 11.58
N ALA E 44 -12.80 9.49 11.11
CA ALA E 44 -12.97 10.93 11.17
C ALA E 44 -13.51 11.30 12.55
N PRO E 45 -12.88 12.29 13.20
CA PRO E 45 -13.36 12.82 14.47
C PRO E 45 -14.89 12.81 14.54
N GLN E 46 -15.40 12.54 15.73
CA GLN E 46 -16.83 12.43 15.97
C GLN E 46 -17.11 12.41 17.46
N ASN E 47 -18.12 13.15 17.88
CA ASN E 47 -18.52 13.16 19.28
C ASN E 47 -19.17 11.85 19.72
N PHE E 48 -18.66 11.25 20.80
CA PHE E 48 -19.14 9.96 21.32
C PHE E 48 -20.62 9.96 21.68
N GLU E 49 -21.35 8.96 21.19
CA GLU E 49 -22.77 8.80 21.45
C GLU E 49 -23.14 7.33 21.57
N LEU E 50 -24.08 7.04 22.46
CA LEU E 50 -24.56 5.68 22.70
C LEU E 50 -25.64 5.31 21.69
N PRO E 51 -25.47 4.18 20.97
CA PRO E 51 -26.40 3.70 19.94
C PRO E 51 -27.84 3.46 20.42
N TRP E 52 -28.14 3.84 21.67
CA TRP E 52 -29.51 3.75 22.18
C TRP E 52 -29.96 4.99 22.99
N LEU E 53 -29.88 6.17 22.37
CA LEU E 53 -30.32 7.44 22.99
C LEU E 53 -30.14 7.52 24.53
N VAL F 12 11.83 26.03 10.92
CA VAL F 12 10.77 25.04 11.31
C VAL F 12 10.99 24.55 12.74
N THR F 13 9.88 24.27 13.45
CA THR F 13 9.92 23.85 14.85
C THR F 13 9.51 22.38 15.08
N SER F 14 8.72 21.81 14.17
CA SER F 14 8.25 20.42 14.30
C SER F 14 8.25 19.69 12.98
N PHE F 15 8.61 18.42 13.00
CA PHE F 15 8.58 17.57 11.81
C PHE F 15 7.16 17.07 11.52
N PHE F 16 6.32 17.08 12.56
CA PHE F 16 4.95 16.59 12.51
C PHE F 16 3.94 17.69 12.14
N PRO F 17 2.83 17.30 11.47
CA PRO F 17 1.76 18.25 11.13
C PRO F 17 0.94 18.70 12.35
N GLU F 23 -4.17 14.20 9.82
CA GLU F 23 -4.91 13.29 8.92
C GLU F 23 -4.16 12.99 7.60
N SER F 24 -3.29 13.91 7.17
CA SER F 24 -2.51 13.77 5.92
C SER F 24 -1.58 12.56 5.91
N LEU F 25 -1.15 12.12 7.10
CA LEU F 25 -0.31 10.94 7.29
C LEU F 25 -0.99 9.61 6.93
N LEU F 26 -2.32 9.59 6.90
CA LEU F 26 -3.04 8.38 6.51
C LEU F 26 -2.73 7.94 5.07
N ILE F 27 -2.64 6.63 4.88
CA ILE F 27 -2.08 6.05 3.67
C ILE F 27 -3.11 5.33 2.79
N THR F 28 -3.23 5.79 1.54
CA THR F 28 -4.20 5.25 0.60
C THR F 28 -3.61 4.07 -0.14
N PRO F 29 -4.19 2.87 0.01
CA PRO F 29 -3.79 1.78 -0.86
C PRO F 29 -4.17 2.08 -2.32
N PHE F 30 -3.22 1.90 -3.24
CA PHE F 30 -3.44 2.14 -4.67
C PHE F 30 -3.51 0.83 -5.41
N LEU F 31 -4.02 0.90 -6.65
CA LEU F 31 -4.29 -0.25 -7.48
C LEU F 31 -3.06 -0.70 -8.25
N PRO F 32 -2.59 -1.93 -8.01
CA PRO F 32 -1.37 -2.39 -8.68
C PRO F 32 -1.65 -2.82 -10.11
N VAL F 33 -0.64 -2.70 -10.98
CA VAL F 33 -0.67 -3.34 -12.29
C VAL F 33 -0.18 -4.75 -12.01
N VAL F 34 -0.99 -5.74 -12.39
CA VAL F 34 -0.76 -7.13 -11.97
C VAL F 34 -0.44 -8.09 -13.13
N ALA F 35 0.66 -8.84 -13.00
CA ALA F 35 0.99 -9.92 -13.93
C ALA F 35 1.13 -11.22 -13.17
N PHE F 36 0.57 -12.31 -13.72
CA PHE F 36 0.59 -13.65 -13.07
C PHE F 36 0.15 -13.60 -11.59
N GLY F 37 -0.82 -12.74 -11.27
CA GLY F 37 -1.29 -12.63 -9.90
C GLY F 37 -0.42 -11.89 -8.89
N ARG F 38 0.62 -11.21 -9.36
CA ARG F 38 1.42 -10.38 -8.46
C ARG F 38 1.62 -8.99 -9.02
N PRO F 39 1.84 -8.00 -8.15
CA PRO F 39 2.16 -6.66 -8.63
C PRO F 39 3.45 -6.62 -9.42
N LEU F 40 3.47 -5.80 -10.48
CA LEU F 40 4.71 -5.60 -11.22
C LEU F 40 5.67 -4.74 -10.41
N PRO F 41 6.96 -5.14 -10.32
CA PRO F 41 7.91 -4.45 -9.47
C PRO F 41 8.67 -3.31 -10.12
N LYS F 42 9.46 -2.62 -9.30
CA LYS F 42 10.38 -1.59 -9.75
C LYS F 42 11.53 -2.19 -10.52
N LEU F 43 11.82 -1.60 -11.68
CA LEU F 43 13.06 -1.88 -12.41
C LEU F 43 13.72 -0.57 -12.81
N ALA F 44 14.98 -0.41 -12.45
CA ALA F 44 15.75 0.73 -12.91
C ALA F 44 16.28 0.43 -14.30
N PRO F 45 16.09 1.35 -15.27
CA PRO F 45 16.67 1.22 -16.60
C PRO F 45 18.03 0.55 -16.56
N GLN F 46 18.31 -0.24 -17.59
CA GLN F 46 19.56 -0.98 -17.67
C GLN F 46 19.71 -1.54 -19.08
N ASN F 47 20.92 -1.46 -19.62
CA ASN F 47 21.19 -2.02 -20.94
C ASN F 47 21.19 -3.56 -20.93
N PHE F 48 20.40 -4.16 -21.83
CA PHE F 48 20.25 -5.62 -21.91
C PHE F 48 21.57 -6.36 -22.17
N GLU F 49 21.82 -7.39 -21.37
CA GLU F 49 23.02 -8.21 -21.48
C GLU F 49 22.72 -9.66 -21.15
N LEU F 50 23.41 -10.55 -21.86
CA LEU F 50 23.25 -11.99 -21.66
C LEU F 50 24.13 -12.48 -20.51
N PRO F 51 23.53 -13.20 -19.53
CA PRO F 51 24.23 -13.70 -18.34
C PRO F 51 25.40 -14.65 -18.63
N TRP F 52 25.74 -14.84 -19.90
CA TRP F 52 26.93 -15.62 -20.28
C TRP F 52 27.75 -14.92 -21.37
N VAL G 12 -3.69 -26.02 -8.46
CA VAL G 12 -3.89 -24.58 -8.80
C VAL G 12 -4.62 -24.39 -10.14
N THR G 13 -5.55 -23.44 -10.16
CA THR G 13 -6.30 -23.10 -11.38
C THR G 13 -6.22 -21.63 -11.72
N SER G 14 -5.60 -20.85 -10.84
CA SER G 14 -5.33 -19.43 -11.10
C SER G 14 -4.14 -18.94 -10.31
N PHE G 15 -3.47 -17.95 -10.85
CA PHE G 15 -2.36 -17.32 -10.13
C PHE G 15 -2.92 -16.17 -9.29
N PHE G 16 -4.24 -16.05 -9.29
CA PHE G 16 -4.97 -14.98 -8.60
C PHE G 16 -5.79 -15.49 -7.41
N PRO G 17 -6.04 -14.63 -6.42
CA PRO G 17 -6.91 -15.03 -5.29
C PRO G 17 -8.37 -15.27 -5.70
N ILE G 27 -9.06 0.14 -0.56
CA ILE G 27 -10.23 -0.34 0.15
C ILE G 27 -10.39 0.30 1.57
N THR G 28 -9.29 0.71 2.18
CA THR G 28 -9.35 1.54 3.39
C THR G 28 -8.01 2.18 3.67
N PRO G 29 -7.94 3.53 3.72
CA PRO G 29 -6.71 4.17 4.21
C PRO G 29 -6.41 3.72 5.64
N PHE G 30 -5.13 3.49 5.94
CA PHE G 30 -4.78 2.97 7.25
C PHE G 30 -3.83 3.90 7.97
N LEU G 31 -3.64 3.66 9.26
CA LEU G 31 -2.73 4.43 10.06
C LEU G 31 -1.35 3.83 9.87
N PRO G 32 -0.33 4.66 9.60
CA PRO G 32 1.00 4.10 9.48
C PRO G 32 1.87 4.31 10.71
N VAL G 33 2.95 3.52 10.81
CA VAL G 33 4.02 3.81 11.75
C VAL G 33 4.78 5.03 11.20
N VAL G 34 4.91 6.05 12.05
CA VAL G 34 5.50 7.33 11.67
C VAL G 34 6.81 7.57 12.45
N ALA G 35 7.81 8.08 11.75
CA ALA G 35 9.07 8.40 12.37
C ALA G 35 9.57 9.66 11.71
N PHE G 36 10.10 10.59 12.51
CA PHE G 36 10.58 11.88 12.01
C PHE G 36 9.49 12.69 11.29
N GLY G 37 8.22 12.41 11.61
CA GLY G 37 7.10 13.12 10.98
C GLY G 37 6.56 12.54 9.68
N ARG G 38 7.11 11.42 9.23
CA ARG G 38 6.69 10.76 7.99
C ARG G 38 6.52 9.26 8.19
N PRO G 39 5.70 8.61 7.36
CA PRO G 39 5.49 7.16 7.50
C PRO G 39 6.75 6.34 7.23
N LEU G 40 6.89 5.24 7.96
CA LEU G 40 7.99 4.31 7.74
C LEU G 40 7.68 3.37 6.60
N PRO G 41 8.56 3.32 5.59
CA PRO G 41 8.43 2.37 4.51
C PRO G 41 8.71 0.97 4.99
N LYS G 42 7.99 0.00 4.42
CA LYS G 42 8.30 -1.42 4.62
C LYS G 42 9.61 -1.78 3.96
N LEU G 43 10.37 -2.66 4.61
CA LEU G 43 11.71 -3.07 4.18
C LEU G 43 11.83 -4.59 4.05
N ALA G 44 12.38 -5.02 2.91
CA ALA G 44 12.63 -6.43 2.63
C ALA G 44 13.91 -6.85 3.35
N PRO G 45 13.86 -7.97 4.11
CA PRO G 45 15.01 -8.38 4.93
C PRO G 45 16.31 -8.43 4.14
N GLN G 46 17.42 -8.05 4.78
CA GLN G 46 18.71 -7.95 4.12
C GLN G 46 19.87 -7.98 5.12
N ASN G 47 20.95 -8.69 4.76
CA ASN G 47 22.17 -8.73 5.55
C ASN G 47 22.94 -7.42 5.46
N PHE G 48 23.35 -6.89 6.62
CA PHE G 48 24.04 -5.60 6.70
C PHE G 48 25.46 -5.65 6.13
N GLU G 49 25.87 -4.60 5.41
CA GLU G 49 27.20 -4.54 4.79
C GLU G 49 27.92 -3.19 4.95
N VAL H 12 -7.14 -21.54 15.72
CA VAL H 12 -6.31 -20.29 15.64
C VAL H 12 -5.48 -20.08 16.92
N THR H 13 -4.23 -19.66 16.73
CA THR H 13 -3.34 -19.33 17.85
C THR H 13 -2.75 -17.92 17.74
N SER H 14 -3.04 -17.24 16.63
CA SER H 14 -2.66 -15.84 16.46
C SER H 14 -3.57 -15.13 15.49
N PHE H 15 -3.73 -13.82 15.69
CA PHE H 15 -4.50 -13.02 14.75
C PHE H 15 -3.56 -12.51 13.66
N PHE H 16 -2.30 -12.97 13.72
CA PHE H 16 -1.24 -12.55 12.80
C PHE H 16 -0.81 -13.69 11.85
N PRO H 17 -0.28 -13.34 10.67
CA PRO H 17 0.25 -14.37 9.76
C PRO H 17 1.51 -15.05 10.31
N ILE H 27 7.88 -3.80 0.92
CA ILE H 27 8.88 -4.81 0.59
C ILE H 27 9.33 -4.74 -0.90
N THR H 28 8.57 -3.99 -1.71
CA THR H 28 8.96 -3.65 -3.09
C THR H 28 8.01 -2.60 -3.61
N PRO H 29 8.53 -1.44 -4.06
CA PRO H 29 7.67 -0.50 -4.79
C PRO H 29 7.10 -1.19 -6.03
N PHE H 30 5.84 -0.91 -6.35
CA PHE H 30 5.21 -1.56 -7.48
C PHE H 30 4.70 -0.55 -8.48
N LEU H 31 4.35 -1.03 -9.66
CA LEU H 31 3.80 -0.22 -10.72
C LEU H 31 2.30 -0.09 -10.47
N PRO H 32 1.76 1.14 -10.48
CA PRO H 32 0.33 1.25 -10.30
C PRO H 32 -0.46 1.45 -11.61
N VAL H 33 -1.77 1.23 -11.53
CA VAL H 33 -2.67 1.66 -12.57
C VAL H 33 -2.80 3.18 -12.45
N VAL H 34 -2.53 3.87 -13.55
CA VAL H 34 -2.51 5.34 -13.59
C VAL H 34 -3.63 5.88 -14.50
N ALA H 35 -4.28 6.94 -14.04
CA ALA H 35 -5.30 7.61 -14.81
C ALA H 35 -5.16 9.10 -14.55
N PHE H 36 -5.31 9.89 -15.60
CA PHE H 36 -5.14 11.35 -15.52
C PHE H 36 -3.78 11.77 -14.97
N GLY H 37 -2.77 10.90 -15.09
CA GLY H 37 -1.41 11.21 -14.68
C GLY H 37 -1.09 10.85 -13.24
N ARG H 38 -2.05 10.24 -12.53
CA ARG H 38 -1.87 9.81 -11.14
C ARG H 38 -2.35 8.39 -10.90
N PRO H 39 -1.83 7.72 -9.84
CA PRO H 39 -2.27 6.36 -9.52
C PRO H 39 -3.74 6.26 -9.12
N LEU H 40 -4.39 5.19 -9.55
CA LEU H 40 -5.77 4.93 -9.14
C LEU H 40 -5.80 4.31 -7.75
N PRO H 41 -6.56 4.93 -6.83
CA PRO H 41 -6.76 4.37 -5.52
C PRO H 41 -7.65 3.14 -5.60
N LYS H 42 -7.39 2.17 -4.73
CA LYS H 42 -8.27 1.03 -4.54
C LYS H 42 -9.58 1.47 -3.89
N LEU H 43 -10.67 0.83 -4.32
CA LEU H 43 -12.02 1.18 -3.88
C LEU H 43 -12.79 -0.02 -3.33
N ALA H 44 -13.40 0.17 -2.16
CA ALA H 44 -14.21 -0.85 -1.51
C ALA H 44 -15.60 -0.88 -2.14
N PRO H 45 -16.08 -2.08 -2.56
CA PRO H 45 -17.34 -2.17 -3.31
C PRO H 45 -18.49 -1.43 -2.62
N GLN H 46 -19.36 -0.81 -3.41
CA GLN H 46 -20.44 0.01 -2.88
C GLN H 46 -21.56 0.20 -3.90
N ASN H 47 -22.80 0.16 -3.41
CA ASN H 47 -23.98 0.41 -4.25
C ASN H 47 -24.11 1.90 -4.60
N PHE H 48 -24.35 2.20 -5.87
CA PHE H 48 -24.41 3.58 -6.36
C PHE H 48 -25.67 4.31 -5.88
N GLU H 49 -25.55 5.58 -5.53
CA GLU H 49 -26.69 6.38 -5.03
C GLU H 49 -26.77 7.80 -5.60
#